data_3JZI
#
_entry.id   3JZI
#
_cell.length_a   84.758
_cell.length_b   107.816
_cell.length_c   121.941
_cell.angle_alpha   90.00
_cell.angle_beta   90.00
_cell.angle_gamma   90.00
#
_symmetry.space_group_name_H-M   'P 21 21 21'
#
loop_
_entity.id
_entity.type
_entity.pdbx_description
1 polymer 'Biotin carboxylase'
2 non-polymer 7-amino-2-[(2-chlorobenzyl)amino]-1-{[(1S,2S)-2-hydroxycycloheptyl]methyl}-1H-benzimidazole-5-carboxamide
3 water water
#
_entity_poly.entity_id   1
_entity_poly.type   'polypeptide(L)'
_entity_poly.pdbx_seq_one_letter_code
;MGHHHHHHHHHHSSGHIEGRHMLDKIVIANRGEIALRILRACKELGIKTVAVHSSADRDLKHVLLADETVCIGPAPSVKS
YLNIPAIISAAEITGAVAIHPGYGFLSENANFAEQVERSGFIFIGPKAETIRLMGDKVSAIAAMKKAGVPCVPGSDGPLG
DDMDKNRAIAKRIGYPVIIKASGGGGGRGMRVVRGDAELAQSISMTRAEAKAAFSNDMVYMEKYLENPRHVEIQVLADGQ
GNAIYLAERDCSMQRRHQKVVEEAPAPGITPELRRYIGERCAKACVDIGYRGAGTFEFLFENGEFYFIEMNTRIQVEHPV
TEMITGVDLIKEQLRIAAGQPLSIKQEEVHVRGHAVECRINAEDPNTFLPSPGKITRFHAPGGFGVRWESHIYAGYTVPP
YYDSMIGKLICYGENRDVAIARMKNALQELIIDGIKTNVDLQIRIMNDENFQHGGTNIHYLEKKLGLQEKSDPNSSSVDK
LAAALE
;
_entity_poly.pdbx_strand_id   A,B
#
# COMPACT_ATOMS: atom_id res chain seq x y z
N MET A 22 18.58 -11.41 16.09
CA MET A 22 17.14 -11.66 16.04
C MET A 22 16.70 -12.87 16.87
N LEU A 23 15.41 -12.90 17.23
CA LEU A 23 14.77 -14.00 17.94
C LEU A 23 14.60 -15.12 16.93
N ASP A 24 15.02 -16.33 17.28
CA ASP A 24 14.94 -17.47 16.37
C ASP A 24 13.51 -17.89 16.05
N LYS A 25 12.68 -18.02 17.09
CA LYS A 25 11.34 -18.56 17.04
C LYS A 25 10.45 -17.90 18.08
N ILE A 26 9.25 -17.48 17.65
CA ILE A 26 8.29 -16.84 18.51
C ILE A 26 6.91 -17.50 18.47
N VAL A 27 6.21 -17.40 19.61
CA VAL A 27 4.84 -17.85 19.73
C VAL A 27 3.97 -16.63 19.54
N ILE A 28 2.99 -16.71 18.64
CA ILE A 28 2.05 -15.63 18.41
C ILE A 28 0.85 -15.96 19.30
N ALA A 29 0.79 -15.34 20.49
CA ALA A 29 -0.29 -15.59 21.48
C ALA A 29 -1.48 -14.68 21.24
N ASN A 30 -2.11 -14.90 20.09
CA ASN A 30 -3.28 -14.16 19.61
C ASN A 30 -3.89 -14.89 18.43
N ARG A 31 -4.86 -14.24 17.78
CA ARG A 31 -5.65 -14.76 16.69
C ARG A 31 -6.10 -13.62 15.74
N GLY A 32 -6.89 -13.98 14.73
CA GLY A 32 -7.47 -13.01 13.80
C GLY A 32 -6.47 -12.20 13.01
N GLU A 33 -6.81 -10.93 12.75
CA GLU A 33 -5.99 -10.06 11.92
C GLU A 33 -4.59 -9.74 12.50
N ILE A 34 -4.50 -9.51 13.83
CA ILE A 34 -3.25 -9.19 14.52
C ILE A 34 -2.24 -10.30 14.43
N ALA A 35 -2.69 -11.55 14.59
CA ALA A 35 -1.82 -12.71 14.49
C ALA A 35 -1.20 -12.77 13.09
N LEU A 36 -2.01 -12.48 12.05
CA LEU A 36 -1.56 -12.44 10.65
C LEU A 36 -0.56 -11.29 10.43
N ARG A 37 -0.80 -10.13 11.06
CA ARG A 37 0.07 -8.95 11.02
C ARG A 37 1.47 -9.30 11.56
N ILE A 38 1.51 -9.97 12.73
CA ILE A 38 2.74 -10.36 13.44
C ILE A 38 3.47 -11.41 12.63
N LEU A 39 2.74 -12.40 12.10
CA LEU A 39 3.33 -13.46 11.28
C LEU A 39 4.11 -12.86 10.09
N ARG A 40 3.52 -11.91 9.34
CA ARG A 40 4.18 -11.25 8.20
C ARG A 40 5.47 -10.56 8.62
N ALA A 41 5.45 -9.87 9.77
CA ALA A 41 6.61 -9.17 10.32
C ALA A 41 7.74 -10.17 10.66
N CYS A 42 7.38 -11.33 11.24
CA CYS A 42 8.30 -12.42 11.61
C CYS A 42 8.98 -12.97 10.35
N LYS A 43 8.17 -13.29 9.32
CA LYS A 43 8.63 -13.80 8.03
C LYS A 43 9.60 -12.83 7.34
N GLU A 44 9.31 -11.52 7.41
CA GLU A 44 10.14 -10.46 6.84
C GLU A 44 11.53 -10.44 7.48
N LEU A 45 11.62 -10.78 8.79
CA LEU A 45 12.87 -10.81 9.56
C LEU A 45 13.54 -12.19 9.64
N GLY A 46 12.92 -13.21 9.06
CA GLY A 46 13.42 -14.57 9.10
C GLY A 46 13.20 -15.27 10.43
N ILE A 47 12.22 -14.79 11.24
CA ILE A 47 11.86 -15.37 12.53
C ILE A 47 10.83 -16.49 12.30
N LYS A 48 11.08 -17.67 12.87
CA LYS A 48 10.19 -18.83 12.79
C LYS A 48 8.95 -18.56 13.63
N THR A 49 7.79 -19.01 13.14
CA THR A 49 6.54 -18.75 13.83
C THR A 49 5.88 -19.98 14.38
N VAL A 50 5.30 -19.83 15.59
CA VAL A 50 4.51 -20.85 16.27
C VAL A 50 3.11 -20.27 16.42
N ALA A 51 2.13 -20.84 15.72
CA ALA A 51 0.77 -20.37 15.87
C ALA A 51 0.05 -21.25 16.88
N VAL A 52 -0.30 -20.65 18.03
CA VAL A 52 -1.10 -21.29 19.07
C VAL A 52 -2.54 -20.91 18.75
N HIS A 53 -3.45 -21.89 18.77
CA HIS A 53 -4.83 -21.63 18.41
C HIS A 53 -5.81 -22.52 19.15
N SER A 54 -7.06 -22.07 19.26
CA SER A 54 -8.15 -22.84 19.83
C SER A 54 -8.59 -23.89 18.78
N SER A 55 -9.38 -24.90 19.19
CA SER A 55 -9.87 -25.92 18.26
C SER A 55 -10.81 -25.34 17.19
N ALA A 56 -11.37 -24.14 17.46
CA ALA A 56 -12.29 -23.44 16.56
C ALA A 56 -11.54 -22.59 15.52
N ASP A 57 -10.22 -22.38 15.73
CA ASP A 57 -9.40 -21.52 14.89
C ASP A 57 -8.35 -22.23 14.03
N ARG A 58 -8.59 -23.50 13.70
CA ARG A 58 -7.70 -24.31 12.84
C ARG A 58 -7.58 -23.73 11.44
N ASP A 59 -8.64 -23.09 10.95
CA ASP A 59 -8.70 -22.51 9.60
C ASP A 59 -8.29 -21.04 9.52
N LEU A 60 -7.82 -20.42 10.62
CA LEU A 60 -7.33 -19.04 10.56
C LEU A 60 -6.20 -18.98 9.53
N LYS A 61 -6.16 -17.89 8.73
CA LYS A 61 -5.16 -17.68 7.71
C LYS A 61 -3.73 -17.79 8.25
N HIS A 62 -3.44 -17.11 9.38
CA HIS A 62 -2.10 -17.15 9.95
C HIS A 62 -1.71 -18.57 10.40
N VAL A 63 -2.67 -19.36 10.92
CA VAL A 63 -2.44 -20.76 11.33
C VAL A 63 -1.97 -21.57 10.12
N LEU A 64 -2.64 -21.38 8.97
CA LEU A 64 -2.30 -22.06 7.72
C LEU A 64 -0.96 -21.63 7.16
N LEU A 65 -0.48 -20.42 7.52
CA LEU A 65 0.80 -19.89 7.01
C LEU A 65 1.99 -20.10 7.94
N ALA A 66 1.73 -20.44 9.21
CA ALA A 66 2.77 -20.63 10.22
C ALA A 66 3.66 -21.86 9.98
N ASP A 67 4.90 -21.81 10.51
CA ASP A 67 5.87 -22.89 10.38
C ASP A 67 5.48 -24.06 11.27
N GLU A 68 4.97 -23.76 12.48
CA GLU A 68 4.49 -24.75 13.44
C GLU A 68 3.16 -24.27 14.02
N THR A 69 2.29 -25.23 14.34
CA THR A 69 0.98 -24.95 14.93
C THR A 69 0.78 -25.83 16.16
N VAL A 70 0.17 -25.27 17.21
CA VAL A 70 -0.14 -25.98 18.45
C VAL A 70 -1.59 -25.68 18.86
N CYS A 71 -2.44 -26.70 18.98
CA CYS A 71 -3.80 -26.50 19.46
C CYS A 71 -3.71 -26.38 21.00
N ILE A 72 -4.05 -25.19 21.56
CA ILE A 72 -3.94 -24.89 23.00
C ILE A 72 -5.18 -25.10 23.85
N GLY A 73 -6.25 -25.63 23.26
CA GLY A 73 -7.47 -25.92 23.99
C GLY A 73 -8.75 -25.72 23.19
N PRO A 74 -9.92 -25.93 23.85
CA PRO A 74 -11.20 -25.71 23.14
C PRO A 74 -11.49 -24.23 22.85
N ALA A 75 -12.53 -23.96 22.03
CA ALA A 75 -12.99 -22.64 21.58
C ALA A 75 -13.05 -21.47 22.59
N PRO A 76 -13.64 -21.57 23.82
CA PRO A 76 -13.67 -20.39 24.71
C PRO A 76 -12.28 -19.89 25.06
N SER A 77 -12.07 -18.56 24.99
CA SER A 77 -10.79 -17.90 25.25
C SER A 77 -10.19 -18.29 26.59
N VAL A 78 -11.05 -18.39 27.66
CA VAL A 78 -10.61 -18.79 29.01
C VAL A 78 -9.83 -20.13 28.98
N LYS A 79 -10.15 -21.00 28.01
CA LYS A 79 -9.58 -22.33 27.81
C LYS A 79 -8.45 -22.37 26.80
N SER A 80 -8.28 -21.29 26.02
CA SER A 80 -7.28 -21.26 24.97
C SER A 80 -6.41 -20.01 24.99
N TYR A 81 -6.82 -18.91 24.32
CA TYR A 81 -6.05 -17.66 24.24
C TYR A 81 -5.79 -16.95 25.58
N LEU A 82 -6.56 -17.29 26.63
CA LEU A 82 -6.35 -16.70 27.97
C LEU A 82 -5.73 -17.70 28.94
N ASN A 83 -5.44 -18.93 28.44
CA ASN A 83 -4.87 -20.04 29.18
C ASN A 83 -3.33 -19.97 29.25
N ILE A 84 -2.80 -19.33 30.31
CA ILE A 84 -1.36 -19.14 30.55
C ILE A 84 -0.54 -20.45 30.49
N PRO A 85 -0.83 -21.50 31.32
CA PRO A 85 -0.06 -22.75 31.23
C PRO A 85 -0.01 -23.40 29.85
N ALA A 86 -1.14 -23.43 29.12
CA ALA A 86 -1.17 -24.01 27.77
C ALA A 86 -0.28 -23.22 26.79
N ILE A 87 -0.25 -21.87 26.91
CA ILE A 87 0.57 -21.01 26.06
C ILE A 87 2.06 -21.21 26.39
N ILE A 88 2.40 -21.22 27.70
CA ILE A 88 3.76 -21.47 28.18
C ILE A 88 4.25 -22.85 27.70
N SER A 89 3.41 -23.89 27.85
CA SER A 89 3.73 -25.26 27.44
C SER A 89 3.99 -25.36 25.93
N ALA A 90 3.19 -24.66 25.10
CA ALA A 90 3.38 -24.67 23.65
C ALA A 90 4.70 -24.00 23.28
N ALA A 91 5.07 -22.94 24.03
CA ALA A 91 6.33 -22.22 23.83
C ALA A 91 7.52 -23.09 24.23
N GLU A 92 7.36 -23.90 25.31
CA GLU A 92 8.41 -24.82 25.77
C GLU A 92 8.62 -25.97 24.79
N ILE A 93 7.52 -26.56 24.31
CA ILE A 93 7.49 -27.70 23.42
C ILE A 93 8.09 -27.41 22.04
N THR A 94 7.85 -26.20 21.51
CA THR A 94 8.33 -25.82 20.17
C THR A 94 9.74 -25.25 20.16
N GLY A 95 10.29 -24.99 21.34
CA GLY A 95 11.63 -24.43 21.45
C GLY A 95 11.67 -22.95 21.09
N ALA A 96 10.54 -22.23 21.28
CA ALA A 96 10.45 -20.79 21.01
C ALA A 96 11.24 -20.00 22.06
N VAL A 97 11.63 -18.76 21.74
CA VAL A 97 12.39 -17.93 22.68
C VAL A 97 11.62 -16.71 23.17
N ALA A 98 10.52 -16.39 22.47
CA ALA A 98 9.71 -15.20 22.73
C ALA A 98 8.23 -15.38 22.45
N ILE A 99 7.42 -14.52 23.09
CA ILE A 99 5.97 -14.55 22.97
C ILE A 99 5.46 -13.14 22.68
N HIS A 100 4.70 -13.00 21.58
CA HIS A 100 4.05 -11.74 21.21
C HIS A 100 2.61 -11.94 21.59
N PRO A 101 2.07 -11.11 22.54
CA PRO A 101 0.67 -11.28 22.94
C PRO A 101 -0.34 -10.50 22.08
N GLY A 102 0.15 -9.71 21.13
CA GLY A 102 -0.65 -8.86 20.25
C GLY A 102 -1.34 -7.79 21.06
N TYR A 103 -2.64 -7.58 20.78
CA TYR A 103 -3.48 -6.67 21.56
C TYR A 103 -4.61 -7.49 22.15
N GLY A 104 -5.23 -6.98 23.20
CA GLY A 104 -6.29 -7.68 23.91
C GLY A 104 -5.73 -8.88 24.63
N PHE A 105 -6.58 -9.89 24.87
CA PHE A 105 -6.24 -11.12 25.58
C PHE A 105 -5.28 -10.91 26.76
N LEU A 106 -4.04 -11.42 26.68
CA LEU A 106 -3.06 -11.33 27.75
C LEU A 106 -1.99 -10.25 27.58
N SER A 107 -2.16 -9.34 26.61
CA SER A 107 -1.17 -8.29 26.33
C SER A 107 -0.94 -7.31 27.46
N GLU A 108 -2.00 -7.01 28.22
CA GLU A 108 -1.91 -6.07 29.34
C GLU A 108 -2.09 -6.76 30.70
N ASN A 109 -1.86 -8.08 30.72
CA ASN A 109 -1.90 -8.90 31.92
C ASN A 109 -0.47 -9.00 32.46
N ALA A 110 -0.14 -8.19 33.50
CA ALA A 110 1.18 -8.15 34.16
C ALA A 110 1.66 -9.50 34.70
N ASN A 111 0.76 -10.37 35.18
CA ASN A 111 1.11 -11.70 35.69
C ASN A 111 1.60 -12.61 34.60
N PHE A 112 1.04 -12.47 33.38
CA PHE A 112 1.47 -13.25 32.23
C PHE A 112 2.87 -12.81 31.83
N ALA A 113 3.11 -11.49 31.74
CA ALA A 113 4.41 -10.92 31.38
C ALA A 113 5.52 -11.40 32.32
N GLU A 114 5.23 -11.37 33.63
CA GLU A 114 6.14 -11.78 34.69
C GLU A 114 6.44 -13.29 34.58
N GLN A 115 5.41 -14.11 34.32
CA GLN A 115 5.58 -15.55 34.15
C GLN A 115 6.41 -15.89 32.91
N VAL A 116 6.14 -15.19 31.77
CA VAL A 116 6.88 -15.38 30.50
C VAL A 116 8.39 -15.19 30.73
N GLU A 117 8.78 -14.11 31.43
CA GLU A 117 10.17 -13.77 31.76
C GLU A 117 10.81 -14.73 32.77
N ARG A 118 10.10 -15.06 33.87
CA ARG A 118 10.60 -16.00 34.88
C ARG A 118 10.79 -17.38 34.26
N SER A 119 9.97 -17.74 33.23
CA SER A 119 10.12 -19.01 32.51
C SER A 119 11.31 -18.96 31.50
N GLY A 120 11.97 -17.81 31.38
CA GLY A 120 13.14 -17.63 30.52
C GLY A 120 12.88 -17.17 29.10
N PHE A 121 11.61 -16.89 28.74
CA PHE A 121 11.27 -16.40 27.40
C PHE A 121 11.34 -14.88 27.39
N ILE A 122 11.40 -14.31 26.19
CA ILE A 122 11.33 -12.87 26.01
C ILE A 122 9.84 -12.50 25.85
N PHE A 123 9.36 -11.54 26.64
CA PHE A 123 7.99 -11.06 26.52
C PHE A 123 8.03 -9.88 25.56
N ILE A 124 7.31 -9.97 24.41
CA ILE A 124 7.31 -8.86 23.44
C ILE A 124 6.32 -7.81 23.95
N GLY A 125 6.81 -6.98 24.86
CA GLY A 125 6.05 -5.94 25.52
C GLY A 125 6.86 -5.26 26.60
N PRO A 126 6.22 -4.41 27.45
CA PRO A 126 7.00 -3.77 28.52
C PRO A 126 7.25 -4.72 29.69
N LYS A 127 8.02 -4.24 30.70
CA LYS A 127 8.30 -5.00 31.91
C LYS A 127 6.99 -5.13 32.67
N ALA A 128 6.79 -6.25 33.40
CA ALA A 128 5.55 -6.51 34.16
C ALA A 128 5.20 -5.37 35.13
N GLU A 129 6.23 -4.77 35.76
CA GLU A 129 6.08 -3.64 36.69
C GLU A 129 5.48 -2.42 36.00
N THR A 130 5.86 -2.18 34.71
CA THR A 130 5.34 -1.05 33.92
C THR A 130 3.86 -1.28 33.56
N ILE A 131 3.50 -2.54 33.30
CA ILE A 131 2.14 -2.95 32.98
C ILE A 131 1.27 -2.68 34.22
N ARG A 132 1.76 -3.04 35.42
CA ARG A 132 1.08 -2.79 36.70
C ARG A 132 0.92 -1.30 36.98
N LEU A 133 2.01 -0.53 36.79
CA LEU A 133 2.00 0.92 36.99
C LEU A 133 0.95 1.62 36.11
N MET A 134 0.98 1.38 34.79
CA MET A 134 0.02 2.01 33.88
C MET A 134 -1.38 1.38 33.91
N GLY A 135 -1.44 0.10 34.32
CA GLY A 135 -2.68 -0.67 34.41
C GLY A 135 -3.61 -0.17 35.49
N ASP A 136 -3.02 0.27 36.61
CA ASP A 136 -3.76 0.86 37.72
C ASP A 136 -3.85 2.35 37.39
N LYS A 137 -5.06 2.79 37.00
CA LYS A 137 -5.31 4.16 36.52
C LYS A 137 -4.95 5.29 37.48
N VAL A 138 -5.10 5.07 38.81
CA VAL A 138 -4.77 6.06 39.84
C VAL A 138 -3.26 6.35 39.82
N SER A 139 -2.42 5.30 39.93
CA SER A 139 -0.95 5.42 39.95
C SER A 139 -0.37 5.89 38.62
N ALA A 140 -1.06 5.54 37.50
CA ALA A 140 -0.68 5.93 36.13
C ALA A 140 -0.74 7.45 35.99
N ILE A 141 -1.83 8.09 36.47
CA ILE A 141 -2.03 9.53 36.44
C ILE A 141 -0.98 10.21 37.32
N ALA A 142 -0.72 9.63 38.52
CA ALA A 142 0.29 10.13 39.46
C ALA A 142 1.66 10.13 38.80
N ALA A 143 2.01 9.00 38.12
CA ALA A 143 3.26 8.86 37.36
C ALA A 143 3.39 9.88 36.22
N MET A 144 2.28 10.15 35.48
CA MET A 144 2.24 11.10 34.36
C MET A 144 2.37 12.55 34.83
N LYS A 145 1.69 12.90 35.93
CA LYS A 145 1.77 14.23 36.56
C LYS A 145 3.21 14.50 36.97
N LYS A 146 3.86 13.49 37.61
CA LYS A 146 5.27 13.54 38.03
C LYS A 146 6.20 13.73 36.83
N ALA A 147 5.94 12.97 35.73
CA ALA A 147 6.71 13.01 34.48
C ALA A 147 6.59 14.33 33.70
N GLY A 148 5.52 15.09 33.96
CA GLY A 148 5.26 16.36 33.30
C GLY A 148 4.24 16.27 32.19
N VAL A 149 3.44 15.18 32.20
CA VAL A 149 2.39 14.93 31.21
C VAL A 149 1.08 15.52 31.73
N PRO A 150 0.46 16.47 30.99
CA PRO A 150 -0.81 17.07 31.45
C PRO A 150 -1.95 16.06 31.51
N CYS A 151 -2.62 16.00 32.68
CA CYS A 151 -3.73 15.09 32.94
C CYS A 151 -5.06 15.86 33.06
N VAL A 152 -6.20 15.14 33.09
CA VAL A 152 -7.53 15.73 33.25
C VAL A 152 -7.66 16.07 34.74
N PRO A 153 -8.03 17.33 35.12
CA PRO A 153 -8.19 17.63 36.55
C PRO A 153 -9.18 16.67 37.20
N GLY A 154 -8.81 16.16 38.37
CA GLY A 154 -9.61 15.20 39.11
C GLY A 154 -9.18 15.04 40.56
N SER A 155 -9.66 13.96 41.19
CA SER A 155 -9.39 13.63 42.59
C SER A 155 -7.90 13.50 42.96
N ASP A 156 -7.04 13.16 41.97
CA ASP A 156 -5.58 12.98 42.13
C ASP A 156 -5.23 11.98 43.25
N GLY A 157 -6.06 10.94 43.38
CA GLY A 157 -5.92 9.88 44.36
C GLY A 157 -7.22 9.12 44.53
N PRO A 158 -7.24 8.02 45.32
CA PRO A 158 -8.50 7.27 45.50
C PRO A 158 -9.58 8.02 46.29
N LEU A 159 -10.85 7.59 46.14
CA LEU A 159 -11.98 8.21 46.82
C LEU A 159 -12.39 7.40 48.04
N GLY A 160 -12.70 8.09 49.14
CA GLY A 160 -13.10 7.48 50.40
C GLY A 160 -14.60 7.36 50.62
N ASP A 161 -14.98 7.02 51.86
CA ASP A 161 -16.37 6.87 52.28
C ASP A 161 -16.98 8.20 52.76
N ASP A 162 -16.13 9.23 52.97
CA ASP A 162 -16.52 10.57 53.41
C ASP A 162 -17.10 11.39 52.23
N MET A 163 -18.43 11.57 52.22
CA MET A 163 -19.16 12.31 51.18
C MET A 163 -18.83 13.80 51.16
N ASP A 164 -18.48 14.38 52.33
CA ASP A 164 -18.12 15.79 52.48
C ASP A 164 -16.83 16.13 51.73
N LYS A 165 -15.85 15.19 51.74
CA LYS A 165 -14.57 15.35 51.04
C LYS A 165 -14.76 15.19 49.53
N ASN A 166 -15.63 14.23 49.13
CA ASN A 166 -15.96 13.91 47.74
C ASN A 166 -16.72 15.05 47.06
N ARG A 167 -17.65 15.70 47.79
CA ARG A 167 -18.44 16.83 47.30
C ARG A 167 -17.58 18.08 47.12
N ALA A 168 -16.64 18.31 48.07
CA ALA A 168 -15.70 19.43 48.05
C ALA A 168 -14.74 19.30 46.86
N ILE A 169 -14.38 18.04 46.50
CA ILE A 169 -13.52 17.71 45.37
C ILE A 169 -14.26 17.99 44.06
N ALA A 170 -15.55 17.59 43.97
CA ALA A 170 -16.43 17.79 42.80
C ALA A 170 -16.60 19.26 42.41
N LYS A 171 -16.67 20.16 43.43
CA LYS A 171 -16.81 21.61 43.22
C LYS A 171 -15.46 22.22 42.84
N ARG A 172 -14.35 21.61 43.30
CA ARG A 172 -12.97 22.04 43.03
C ARG A 172 -12.63 21.87 41.54
N ILE A 173 -13.01 20.72 40.95
CA ILE A 173 -12.73 20.37 39.55
C ILE A 173 -13.57 21.24 38.59
N GLY A 174 -14.88 21.03 38.60
CA GLY A 174 -15.83 21.72 37.74
C GLY A 174 -16.81 20.76 37.12
N TYR A 175 -18.06 20.76 37.64
CA TYR A 175 -19.16 19.91 37.19
C TYR A 175 -19.47 20.07 35.67
N PRO A 176 -19.84 18.99 34.93
CA PRO A 176 -20.01 17.59 35.37
C PRO A 176 -18.71 16.85 35.65
N VAL A 177 -18.80 15.79 36.47
CA VAL A 177 -17.68 14.94 36.86
C VAL A 177 -17.95 13.46 36.53
N ILE A 178 -16.89 12.63 36.56
CA ILE A 178 -16.99 11.20 36.25
C ILE A 178 -16.31 10.32 37.30
N ILE A 179 -16.99 9.23 37.69
CA ILE A 179 -16.50 8.25 38.65
C ILE A 179 -15.91 7.09 37.84
N LYS A 180 -14.59 6.89 37.98
CA LYS A 180 -13.83 5.91 37.20
C LYS A 180 -13.17 4.85 38.07
N ALA A 181 -13.26 3.58 37.61
CA ALA A 181 -12.67 2.42 38.28
C ALA A 181 -11.16 2.43 38.04
N SER A 182 -10.35 2.35 39.14
CA SER A 182 -8.88 2.34 39.07
C SER A 182 -8.36 1.12 38.30
N GLY A 183 -9.10 0.02 38.38
CA GLY A 183 -8.82 -1.22 37.68
C GLY A 183 -9.58 -1.31 36.35
N GLY A 184 -10.32 -0.25 36.02
CA GLY A 184 -11.08 -0.15 34.78
C GLY A 184 -10.23 0.41 33.66
N GLY A 185 -10.83 0.54 32.49
CA GLY A 185 -10.16 1.05 31.30
C GLY A 185 -11.00 0.99 30.05
N GLY A 186 -10.58 1.74 29.03
CA GLY A 186 -11.28 1.85 27.76
C GLY A 186 -12.67 2.41 27.97
N GLY A 187 -13.68 1.60 27.70
CA GLY A 187 -15.07 1.98 27.87
C GLY A 187 -15.79 1.26 28.98
N ARG A 188 -15.04 0.81 30.01
CA ARG A 188 -15.63 0.07 31.13
C ARG A 188 -15.19 0.62 32.49
N GLY A 189 -16.16 0.77 33.39
CA GLY A 189 -15.95 1.28 34.76
C GLY A 189 -16.13 2.77 34.92
N MET A 190 -17.08 3.38 34.17
CA MET A 190 -17.36 4.82 34.20
C MET A 190 -18.81 5.14 34.54
N ARG A 191 -19.02 6.30 35.20
CA ARG A 191 -20.33 6.84 35.57
C ARG A 191 -20.24 8.36 35.68
N VAL A 192 -21.05 9.06 34.87
CA VAL A 192 -21.11 10.53 34.83
C VAL A 192 -21.99 11.05 35.98
N VAL A 193 -21.57 12.17 36.60
CA VAL A 193 -22.26 12.83 37.71
C VAL A 193 -22.57 14.28 37.30
N ARG A 194 -23.87 14.62 37.19
CA ARG A 194 -24.34 15.96 36.84
C ARG A 194 -24.41 16.90 38.05
N GLY A 195 -24.81 16.36 39.20
CA GLY A 195 -24.93 17.11 40.46
C GLY A 195 -24.76 16.26 41.71
N ASP A 196 -24.61 16.93 42.88
CA ASP A 196 -24.42 16.34 44.21
C ASP A 196 -25.49 15.32 44.63
N ALA A 197 -26.73 15.47 44.13
CA ALA A 197 -27.86 14.58 44.41
C ALA A 197 -27.63 13.15 43.92
N GLU A 198 -27.00 13.01 42.74
CA GLU A 198 -26.69 11.73 42.10
C GLU A 198 -25.36 11.16 42.62
N LEU A 199 -24.43 12.04 43.05
CA LEU A 199 -23.08 11.78 43.56
C LEU A 199 -22.90 10.56 44.47
N ALA A 200 -23.70 10.45 45.56
CA ALA A 200 -23.62 9.35 46.53
C ALA A 200 -23.97 7.98 45.94
N GLN A 201 -25.09 7.89 45.19
CA GLN A 201 -25.58 6.68 44.52
C GLN A 201 -24.57 6.23 43.45
N SER A 202 -23.95 7.21 42.75
CA SER A 202 -22.96 6.99 41.69
C SER A 202 -21.62 6.44 42.18
N ILE A 203 -21.09 6.99 43.29
CA ILE A 203 -19.82 6.53 43.88
C ILE A 203 -19.97 5.09 44.41
N SER A 204 -21.21 4.70 44.82
CA SER A 204 -21.53 3.37 45.33
C SER A 204 -21.74 2.30 44.25
N MET A 205 -22.45 2.64 43.14
CA MET A 205 -22.72 1.73 42.03
C MET A 205 -21.44 1.33 41.29
N THR A 206 -20.54 2.29 41.07
CA THR A 206 -19.25 2.10 40.39
C THR A 206 -18.34 1.18 41.20
N ARG A 207 -18.29 1.38 42.55
CA ARG A 207 -17.50 0.56 43.48
C ARG A 207 -17.95 -0.89 43.45
N ALA A 208 -19.28 -1.12 43.41
CA ALA A 208 -19.88 -2.46 43.38
C ALA A 208 -19.59 -3.17 42.06
N GLU A 209 -19.68 -2.42 40.93
CA GLU A 209 -19.42 -2.92 39.57
C GLU A 209 -17.93 -3.21 39.39
N ALA A 210 -17.05 -2.33 39.90
CA ALA A 210 -15.59 -2.48 39.83
C ALA A 210 -15.09 -3.70 40.61
N LYS A 211 -15.63 -3.94 41.82
CA LYS A 211 -15.29 -5.08 42.68
C LYS A 211 -15.76 -6.40 42.07
N ALA A 212 -16.86 -6.36 41.29
CA ALA A 212 -17.43 -7.53 40.63
C ALA A 212 -16.73 -7.85 39.30
N ALA A 213 -16.36 -6.82 38.52
CA ALA A 213 -15.73 -6.93 37.20
C ALA A 213 -14.20 -6.95 37.16
N PHE A 214 -13.53 -6.15 38.01
CA PHE A 214 -12.07 -6.06 38.03
C PHE A 214 -11.42 -6.54 39.33
N SER A 215 -12.24 -7.06 40.29
CA SER A 215 -11.83 -7.55 41.61
C SER A 215 -11.04 -6.49 42.42
N ASN A 216 -11.41 -5.22 42.24
CA ASN A 216 -10.81 -4.05 42.88
C ASN A 216 -11.88 -2.96 42.95
N ASP A 217 -12.25 -2.56 44.17
CA ASP A 217 -13.29 -1.56 44.42
C ASP A 217 -12.75 -0.11 44.48
N MET A 218 -11.45 0.11 44.17
CA MET A 218 -10.87 1.47 44.17
C MET A 218 -11.40 2.29 43.00
N VAL A 219 -11.89 3.50 43.32
CA VAL A 219 -12.43 4.45 42.34
C VAL A 219 -11.75 5.81 42.50
N TYR A 220 -11.93 6.68 41.50
CA TYR A 220 -11.42 8.05 41.47
C TYR A 220 -12.37 8.97 40.70
N MET A 221 -12.22 10.29 40.90
CA MET A 221 -13.07 11.30 40.27
C MET A 221 -12.26 12.08 39.24
N GLU A 222 -12.90 12.42 38.12
CA GLU A 222 -12.28 13.15 37.01
C GLU A 222 -13.28 14.11 36.36
N LYS A 223 -12.79 15.23 35.80
CA LYS A 223 -13.62 16.21 35.08
C LYS A 223 -14.16 15.60 33.77
N TYR A 224 -15.48 15.65 33.56
CA TYR A 224 -16.10 15.15 32.34
C TYR A 224 -15.97 16.28 31.31
N LEU A 225 -15.12 16.09 30.29
CA LEU A 225 -14.91 17.09 29.25
C LEU A 225 -16.05 17.05 28.25
N GLU A 226 -16.66 18.22 28.00
CA GLU A 226 -17.84 18.38 27.15
C GLU A 226 -17.67 18.12 25.66
N ASN A 227 -16.75 18.85 24.99
CA ASN A 227 -16.50 18.80 23.55
C ASN A 227 -15.04 18.30 23.19
N PRO A 228 -14.54 17.15 23.71
CA PRO A 228 -13.15 16.77 23.38
C PRO A 228 -12.99 15.89 22.14
N ARG A 229 -11.78 15.89 21.59
CA ARG A 229 -11.35 15.03 20.49
C ARG A 229 -10.46 13.95 21.11
N HIS A 230 -10.44 12.74 20.50
CA HIS A 230 -9.56 11.67 20.98
C HIS A 230 -8.28 11.73 20.16
N VAL A 231 -7.18 12.18 20.78
CA VAL A 231 -5.87 12.26 20.15
C VAL A 231 -4.90 11.43 20.97
N GLU A 232 -4.16 10.53 20.31
CA GLU A 232 -3.23 9.64 20.99
C GLU A 232 -1.86 9.67 20.34
N ILE A 233 -0.79 9.46 21.14
CA ILE A 233 0.60 9.52 20.70
C ILE A 233 1.26 8.14 20.72
N GLN A 234 1.83 7.76 19.57
CA GLN A 234 2.56 6.50 19.40
C GLN A 234 3.99 6.68 19.88
N VAL A 235 4.44 5.77 20.74
CA VAL A 235 5.83 5.77 21.21
C VAL A 235 6.51 4.43 20.93
N LEU A 236 7.84 4.46 20.93
CA LEU A 236 8.75 3.32 20.82
C LEU A 236 9.89 3.60 21.78
N ALA A 237 10.13 2.67 22.71
CA ALA A 237 11.23 2.77 23.67
C ALA A 237 11.93 1.42 23.77
N ASP A 238 13.27 1.43 23.73
CA ASP A 238 14.09 0.21 23.77
C ASP A 238 14.30 -0.39 25.15
N GLY A 239 13.98 0.37 26.19
CA GLY A 239 14.19 -0.06 27.57
C GLY A 239 15.66 0.07 27.95
N GLN A 240 16.42 0.83 27.14
CA GLN A 240 17.85 1.07 27.31
C GLN A 240 18.15 2.57 27.47
N GLY A 241 17.10 3.40 27.55
CA GLY A 241 17.23 4.84 27.70
C GLY A 241 16.79 5.67 26.50
N ASN A 242 16.48 5.02 25.37
CA ASN A 242 16.02 5.74 24.17
C ASN A 242 14.51 5.59 23.98
N ALA A 243 13.83 6.72 23.65
CA ALA A 243 12.38 6.77 23.46
C ALA A 243 12.01 7.81 22.40
N ILE A 244 11.21 7.39 21.42
CA ILE A 244 10.77 8.27 20.34
C ILE A 244 9.26 8.33 20.22
N TYR A 245 8.75 9.44 19.68
CA TYR A 245 7.33 9.62 19.42
C TYR A 245 7.13 9.62 17.91
N LEU A 246 6.06 8.96 17.47
CA LEU A 246 5.76 8.82 16.05
C LEU A 246 4.41 9.41 15.74
N ALA A 247 4.36 10.75 15.87
CA ALA A 247 3.17 11.59 15.66
C ALA A 247 1.97 11.10 16.48
N GLU A 248 0.79 11.51 16.05
CA GLU A 248 -0.47 11.25 16.71
C GLU A 248 -1.49 10.60 15.79
N ARG A 249 -2.58 10.16 16.40
CA ARG A 249 -3.73 9.57 15.73
C ARG A 249 -4.97 10.21 16.31
N ASP A 250 -5.97 10.51 15.46
CA ASP A 250 -7.27 10.99 15.91
C ASP A 250 -8.23 9.79 15.82
N CYS A 251 -8.78 9.35 16.97
CA CYS A 251 -9.70 8.21 17.05
C CYS A 251 -11.09 8.61 17.58
N SER A 252 -11.55 9.82 17.22
CA SER A 252 -12.81 10.42 17.69
C SER A 252 -14.12 9.75 17.23
N MET A 253 -14.14 9.16 16.02
CA MET A 253 -15.33 8.46 15.53
C MET A 253 -15.51 7.20 16.35
N GLN A 254 -16.39 7.28 17.34
CA GLN A 254 -16.64 6.20 18.29
C GLN A 254 -18.13 5.98 18.50
N ARG A 255 -18.49 4.75 18.90
CA ARG A 255 -19.84 4.36 19.23
C ARG A 255 -19.75 3.38 20.39
N ARG A 256 -20.48 3.64 21.51
CA ARG A 256 -20.47 2.83 22.73
C ARG A 256 -19.04 2.60 23.27
N HIS A 257 -18.24 3.68 23.24
CA HIS A 257 -16.84 3.74 23.68
C HIS A 257 -15.92 2.74 22.93
N GLN A 258 -16.24 2.49 21.66
CA GLN A 258 -15.53 1.59 20.74
C GLN A 258 -15.18 2.38 19.47
N LYS A 259 -13.88 2.44 19.13
CA LYS A 259 -13.37 3.14 17.95
C LYS A 259 -13.94 2.53 16.65
N VAL A 260 -14.29 3.41 15.70
CA VAL A 260 -14.84 3.00 14.40
C VAL A 260 -13.87 3.42 13.25
N VAL A 261 -13.42 4.67 13.28
CA VAL A 261 -12.51 5.27 12.31
C VAL A 261 -11.33 5.86 13.05
N GLU A 262 -10.11 5.67 12.52
CA GLU A 262 -8.91 6.28 13.07
C GLU A 262 -8.14 6.95 11.95
N GLU A 263 -7.40 8.00 12.26
CA GLU A 263 -6.64 8.69 11.24
C GLU A 263 -5.35 9.27 11.77
N ALA A 264 -4.37 9.44 10.87
CA ALA A 264 -3.08 10.01 11.21
C ALA A 264 -2.57 10.83 10.04
N PRO A 265 -2.02 12.05 10.29
CA PRO A 265 -1.94 12.75 11.59
C PRO A 265 -3.34 13.27 12.02
N ALA A 266 -3.50 13.84 13.23
CA ALA A 266 -4.80 14.38 13.64
C ALA A 266 -4.99 15.78 12.99
N PRO A 267 -6.15 16.08 12.32
CA PRO A 267 -6.32 17.42 11.72
C PRO A 267 -6.28 18.55 12.74
N GLY A 268 -5.68 19.68 12.36
CA GLY A 268 -5.57 20.84 13.23
C GLY A 268 -4.39 20.84 14.18
N ILE A 269 -3.67 19.70 14.28
CA ILE A 269 -2.48 19.60 15.11
C ILE A 269 -1.30 20.14 14.32
N THR A 270 -0.69 21.18 14.86
CA THR A 270 0.44 21.87 14.25
C THR A 270 1.75 21.10 14.53
N PRO A 271 2.85 21.34 13.76
CA PRO A 271 4.13 20.68 14.10
C PRO A 271 4.60 21.05 15.50
N GLU A 272 4.24 22.27 15.97
CA GLU A 272 4.56 22.82 17.29
C GLU A 272 3.79 22.08 18.38
N LEU A 273 2.49 21.78 18.14
CA LEU A 273 1.67 21.02 19.10
C LEU A 273 2.13 19.57 19.20
N ARG A 274 2.51 18.97 18.03
CA ARG A 274 3.02 17.60 17.91
C ARG A 274 4.30 17.46 18.73
N ARG A 275 5.24 18.41 18.55
CA ARG A 275 6.52 18.47 19.24
C ARG A 275 6.33 18.61 20.76
N TYR A 276 5.40 19.48 21.20
CA TYR A 276 5.13 19.74 22.61
C TYR A 276 4.70 18.47 23.33
N ILE A 277 3.60 17.86 22.87
CA ILE A 277 3.05 16.66 23.49
C ILE A 277 3.95 15.42 23.33
N GLY A 278 4.58 15.28 22.17
CA GLY A 278 5.47 14.16 21.85
C GLY A 278 6.66 14.04 22.76
N GLU A 279 7.42 15.16 22.90
CA GLU A 279 8.59 15.24 23.77
C GLU A 279 8.24 14.88 25.21
N ARG A 280 7.06 15.33 25.68
CA ARG A 280 6.54 15.02 27.01
C ARG A 280 6.28 13.52 27.17
N CYS A 281 5.72 12.88 26.12
CA CYS A 281 5.44 11.44 26.08
C CYS A 281 6.75 10.63 26.06
N ALA A 282 7.73 11.09 25.27
CA ALA A 282 9.06 10.47 25.14
C ALA A 282 9.80 10.51 26.49
N LYS A 283 9.74 11.67 27.18
CA LYS A 283 10.34 11.88 28.50
C LYS A 283 9.67 10.97 29.53
N ALA A 284 8.32 10.85 29.46
CA ALA A 284 7.55 9.97 30.34
C ALA A 284 7.98 8.50 30.22
N CYS A 285 8.37 8.04 28.98
CA CYS A 285 8.84 6.67 28.72
C CYS A 285 10.11 6.37 29.49
N VAL A 286 11.08 7.31 29.46
CA VAL A 286 12.35 7.23 30.19
C VAL A 286 12.06 7.16 31.69
N ASP A 287 11.21 8.08 32.21
CA ASP A 287 10.84 8.18 33.62
C ASP A 287 10.12 6.97 34.20
N ILE A 288 9.41 6.19 33.35
CA ILE A 288 8.70 4.99 33.81
C ILE A 288 9.45 3.71 33.38
N GLY A 289 10.56 3.89 32.67
CA GLY A 289 11.37 2.79 32.15
C GLY A 289 10.60 1.96 31.13
N TYR A 290 9.85 2.64 30.25
CA TYR A 290 9.04 1.98 29.23
C TYR A 290 9.87 1.18 28.23
N ARG A 291 9.36 0.01 27.83
CA ARG A 291 10.01 -0.86 26.85
C ARG A 291 8.98 -1.31 25.81
N GLY A 292 9.36 -1.19 24.54
CA GLY A 292 8.52 -1.58 23.42
C GLY A 292 7.67 -0.47 22.86
N ALA A 293 6.56 -0.87 22.22
CA ALA A 293 5.57 0.02 21.61
C ALA A 293 4.50 0.31 22.64
N GLY A 294 4.08 1.56 22.69
CA GLY A 294 3.02 2.02 23.58
C GLY A 294 2.27 3.21 23.04
N THR A 295 1.12 3.52 23.63
CA THR A 295 0.31 4.66 23.21
C THR A 295 -0.23 5.43 24.41
N PHE A 296 -0.02 6.75 24.38
CA PHE A 296 -0.53 7.68 25.37
C PHE A 296 -1.81 8.29 24.80
N GLU A 297 -2.96 7.98 25.40
CA GLU A 297 -4.27 8.48 24.97
C GLU A 297 -4.64 9.75 25.74
N PHE A 298 -5.09 10.77 24.99
CA PHE A 298 -5.48 12.08 25.51
C PHE A 298 -6.85 12.50 25.00
N LEU A 299 -7.44 13.46 25.71
CA LEU A 299 -8.64 14.16 25.30
C LEU A 299 -8.10 15.55 24.96
N PHE A 300 -8.34 15.98 23.71
CA PHE A 300 -7.86 17.25 23.18
C PHE A 300 -9.05 18.18 23.00
N GLU A 301 -9.02 19.30 23.74
CA GLU A 301 -10.07 20.31 23.78
C GLU A 301 -9.44 21.68 24.03
N ASN A 302 -9.84 22.67 23.21
CA ASN A 302 -9.37 24.06 23.28
C ASN A 302 -7.84 24.20 23.23
N GLY A 303 -7.22 23.49 22.29
CA GLY A 303 -5.77 23.50 22.08
C GLY A 303 -4.95 22.86 23.18
N GLU A 304 -5.60 22.14 24.12
CA GLU A 304 -4.92 21.49 25.24
C GLU A 304 -5.15 19.99 25.30
N PHE A 305 -4.08 19.24 25.63
CA PHE A 305 -4.08 17.78 25.81
C PHE A 305 -4.26 17.40 27.28
N TYR A 306 -5.07 16.39 27.55
CA TYR A 306 -5.33 15.89 28.90
C TYR A 306 -5.23 14.38 28.85
N PHE A 307 -4.20 13.80 29.51
CA PHE A 307 -3.95 12.37 29.59
C PHE A 307 -5.10 11.65 30.27
N ILE A 308 -5.52 10.51 29.70
CA ILE A 308 -6.56 9.66 30.28
C ILE A 308 -6.02 8.27 30.63
N GLU A 309 -5.27 7.63 29.69
CA GLU A 309 -4.66 6.32 29.86
C GLU A 309 -3.54 5.98 28.85
N MET A 310 -2.71 4.99 29.20
CA MET A 310 -1.63 4.50 28.36
C MET A 310 -1.85 3.04 28.04
N ASN A 311 -1.88 2.68 26.73
CA ASN A 311 -2.00 1.27 26.29
C ASN A 311 -0.58 0.76 26.17
N THR A 312 -0.25 -0.22 27.02
CA THR A 312 1.09 -0.80 27.14
C THR A 312 1.27 -2.02 26.27
N ARG A 313 0.99 -1.83 24.96
CA ARG A 313 1.01 -2.85 23.91
C ARG A 313 0.86 -2.14 22.57
N ILE A 314 0.82 -2.91 21.48
CA ILE A 314 0.52 -2.36 20.15
C ILE A 314 -0.98 -2.06 20.12
N GLN A 315 -1.38 -1.09 19.32
CA GLN A 315 -2.81 -0.81 19.16
C GLN A 315 -3.32 -1.32 17.84
N VAL A 316 -4.64 -1.54 17.76
CA VAL A 316 -5.38 -1.99 16.58
C VAL A 316 -5.06 -1.06 15.40
N GLU A 317 -5.13 0.25 15.65
CA GLU A 317 -4.94 1.31 14.67
C GLU A 317 -3.49 1.69 14.33
N HIS A 318 -2.50 0.93 14.82
CA HIS A 318 -1.09 1.17 14.50
C HIS A 318 -0.82 1.35 12.96
N PRO A 319 -1.51 0.67 11.99
CA PRO A 319 -1.17 0.86 10.59
C PRO A 319 -1.22 2.29 10.05
N VAL A 320 -2.14 3.15 10.53
CA VAL A 320 -2.22 4.55 10.05
C VAL A 320 -0.93 5.33 10.35
N THR A 321 -0.23 4.99 11.47
CA THR A 321 1.04 5.62 11.89
C THR A 321 2.17 5.12 11.00
N GLU A 322 2.15 3.83 10.66
CA GLU A 322 3.12 3.19 9.77
C GLU A 322 3.11 3.86 8.41
N MET A 323 1.90 4.14 7.84
CA MET A 323 1.75 4.78 6.52
C MET A 323 2.39 6.17 6.43
N ILE A 324 2.20 6.99 7.47
CA ILE A 324 2.68 8.38 7.51
C ILE A 324 4.13 8.62 7.94
N THR A 325 4.75 7.63 8.63
CA THR A 325 6.14 7.70 9.11
C THR A 325 7.06 6.73 8.35
N GLY A 326 6.49 5.68 7.77
CA GLY A 326 7.24 4.63 7.08
C GLY A 326 7.79 3.58 8.04
N VAL A 327 7.53 3.75 9.35
CA VAL A 327 8.05 2.85 10.39
C VAL A 327 7.15 1.62 10.55
N ASP A 328 7.73 0.41 10.43
CA ASP A 328 6.99 -0.84 10.65
C ASP A 328 7.02 -1.05 12.16
N LEU A 329 5.87 -0.81 12.82
CA LEU A 329 5.77 -0.90 14.28
C LEU A 329 5.95 -2.28 14.89
N ILE A 330 5.52 -3.34 14.18
CA ILE A 330 5.69 -4.72 14.64
C ILE A 330 7.18 -5.13 14.55
N LYS A 331 7.85 -4.83 13.42
CA LYS A 331 9.28 -5.15 13.27
C LYS A 331 10.11 -4.47 14.38
N GLU A 332 9.75 -3.23 14.76
CA GLU A 332 10.42 -2.48 15.83
C GLU A 332 10.18 -3.15 17.18
N GLN A 333 8.96 -3.70 17.41
CA GLN A 333 8.68 -4.43 18.65
C GLN A 333 9.62 -5.63 18.76
N LEU A 334 9.83 -6.31 17.63
CA LEU A 334 10.69 -7.50 17.49
C LEU A 334 12.16 -7.17 17.69
N ARG A 335 12.63 -6.06 17.12
CA ARG A 335 14.02 -5.60 17.25
C ARG A 335 14.33 -5.23 18.70
N ILE A 336 13.40 -4.49 19.37
CA ILE A 336 13.53 -4.10 20.79
C ILE A 336 13.57 -5.35 21.66
N ALA A 337 12.62 -6.30 21.46
CA ALA A 337 12.57 -7.56 22.22
C ALA A 337 13.87 -8.39 22.08
N ALA A 338 14.53 -8.28 20.91
CA ALA A 338 15.78 -8.97 20.63
C ALA A 338 16.99 -8.36 21.38
N GLY A 339 16.79 -7.19 21.99
CA GLY A 339 17.82 -6.48 22.74
C GLY A 339 18.50 -5.38 21.95
N GLN A 340 18.01 -5.10 20.75
CA GLN A 340 18.57 -4.07 19.89
C GLN A 340 18.14 -2.70 20.34
N PRO A 341 19.08 -1.72 20.45
CA PRO A 341 18.67 -0.36 20.82
C PRO A 341 17.95 0.27 19.64
N LEU A 342 17.17 1.34 19.88
CA LEU A 342 16.45 2.04 18.81
C LEU A 342 17.45 2.56 17.79
N SER A 343 17.30 2.14 16.52
CA SER A 343 18.17 2.62 15.45
C SER A 343 17.62 3.96 14.95
N ILE A 344 16.27 4.10 14.97
CA ILE A 344 15.56 5.30 14.55
C ILE A 344 15.73 6.42 15.57
N LYS A 345 16.20 7.58 15.10
CA LYS A 345 16.38 8.78 15.91
C LYS A 345 15.17 9.70 15.68
N GLN A 346 14.79 10.50 16.70
CA GLN A 346 13.66 11.44 16.62
C GLN A 346 13.70 12.33 15.37
N GLU A 347 14.91 12.79 14.99
CA GLU A 347 15.15 13.63 13.81
C GLU A 347 14.89 12.91 12.48
N GLU A 348 14.76 11.56 12.49
CA GLU A 348 14.45 10.74 11.31
C GLU A 348 12.94 10.48 11.17
N VAL A 349 12.13 10.87 12.18
CA VAL A 349 10.68 10.67 12.16
C VAL A 349 10.03 11.88 11.49
N HIS A 350 9.48 11.67 10.29
CA HIS A 350 8.83 12.71 9.50
C HIS A 350 7.41 12.32 9.13
N VAL A 351 6.45 13.23 9.38
CA VAL A 351 5.05 13.03 9.01
C VAL A 351 4.94 13.35 7.53
N ARG A 352 4.50 12.38 6.74
CA ARG A 352 4.31 12.56 5.31
C ARG A 352 2.97 11.96 4.91
N GLY A 353 2.14 12.78 4.28
CA GLY A 353 0.82 12.39 3.81
C GLY A 353 -0.19 12.20 4.91
N HIS A 354 -1.26 11.45 4.60
CA HIS A 354 -2.35 11.19 5.55
C HIS A 354 -2.91 9.78 5.36
N ALA A 355 -3.37 9.15 6.46
CA ALA A 355 -3.93 7.81 6.42
C ALA A 355 -5.21 7.69 7.23
N VAL A 356 -6.18 6.94 6.72
CA VAL A 356 -7.47 6.73 7.39
C VAL A 356 -7.66 5.22 7.54
N GLU A 357 -8.17 4.78 8.69
CA GLU A 357 -8.48 3.38 8.92
C GLU A 357 -9.96 3.19 9.26
N CYS A 358 -10.60 2.28 8.54
CA CYS A 358 -11.97 1.88 8.81
C CYS A 358 -11.90 0.46 9.36
N ARG A 359 -12.45 0.25 10.56
CA ARG A 359 -12.53 -1.08 11.17
C ARG A 359 -13.66 -1.82 10.50
N ILE A 360 -13.42 -3.07 10.15
CA ILE A 360 -14.44 -3.91 9.51
C ILE A 360 -14.92 -4.92 10.54
N ASN A 361 -16.19 -4.81 10.91
CA ASN A 361 -16.76 -5.68 11.94
C ASN A 361 -17.84 -6.58 11.39
N ALA A 362 -17.91 -7.83 11.90
CA ALA A 362 -18.94 -8.82 11.57
C ALA A 362 -20.05 -8.58 12.58
N GLU A 363 -20.89 -7.58 12.29
CA GLU A 363 -21.97 -7.10 13.14
C GLU A 363 -22.96 -6.30 12.32
N ASP A 364 -24.16 -6.09 12.85
CA ASP A 364 -25.13 -5.21 12.24
C ASP A 364 -24.83 -3.84 12.93
N PRO A 365 -24.50 -2.76 12.18
CA PRO A 365 -24.18 -1.48 12.85
C PRO A 365 -25.39 -0.84 13.56
N ASN A 366 -26.58 -0.95 12.92
CA ASN A 366 -27.83 -0.42 13.41
C ASN A 366 -28.21 -0.99 14.77
N THR A 367 -28.12 -2.31 14.92
CA THR A 367 -28.54 -2.99 16.15
C THR A 367 -27.40 -3.39 17.09
N PHE A 368 -26.13 -3.39 16.62
CA PHE A 368 -24.94 -3.83 17.37
C PHE A 368 -24.94 -5.38 17.52
N LEU A 369 -25.84 -6.09 16.80
CA LEU A 369 -25.95 -7.56 16.85
C LEU A 369 -24.77 -8.21 16.13
N PRO A 370 -23.91 -8.98 16.85
CA PRO A 370 -22.77 -9.62 16.19
C PRO A 370 -23.23 -10.57 15.11
N SER A 371 -22.46 -10.65 14.02
CA SER A 371 -22.80 -11.50 12.89
C SER A 371 -21.75 -12.57 12.58
N PRO A 372 -21.54 -13.59 13.48
CA PRO A 372 -20.64 -14.68 13.11
C PRO A 372 -21.28 -15.52 12.01
N GLY A 373 -20.48 -16.33 11.32
CA GLY A 373 -21.00 -17.15 10.25
C GLY A 373 -20.05 -17.27 9.09
N LYS A 374 -20.42 -18.11 8.12
CA LYS A 374 -19.61 -18.38 6.93
C LYS A 374 -19.66 -17.23 5.92
N ILE A 375 -18.48 -16.80 5.44
CA ILE A 375 -18.34 -15.79 4.39
C ILE A 375 -18.44 -16.57 3.06
N THR A 376 -19.55 -16.41 2.33
CA THR A 376 -19.83 -17.13 1.08
C THR A 376 -19.15 -16.49 -0.12
N ARG A 377 -18.89 -15.19 -0.05
CA ARG A 377 -18.23 -14.45 -1.12
C ARG A 377 -17.36 -13.36 -0.49
N PHE A 378 -16.10 -13.31 -0.92
CA PHE A 378 -15.16 -12.32 -0.43
C PHE A 378 -14.34 -11.73 -1.57
N HIS A 379 -14.14 -10.41 -1.52
CA HIS A 379 -13.31 -9.70 -2.47
C HIS A 379 -12.73 -8.47 -1.81
N ALA A 380 -11.38 -8.42 -1.71
CA ALA A 380 -10.64 -7.33 -1.09
C ALA A 380 -10.35 -6.20 -2.07
N PRO A 381 -10.41 -4.92 -1.64
CA PRO A 381 -10.07 -3.83 -2.57
C PRO A 381 -8.55 -3.77 -2.84
N GLY A 382 -8.18 -3.10 -3.91
CA GLY A 382 -6.78 -2.90 -4.28
C GLY A 382 -6.50 -1.48 -4.73
N GLY A 383 -5.30 -1.26 -5.26
CA GLY A 383 -4.92 0.05 -5.76
C GLY A 383 -3.85 0.76 -4.96
N PHE A 384 -3.40 1.91 -5.48
CA PHE A 384 -2.38 2.76 -4.88
C PHE A 384 -2.87 3.36 -3.57
N GLY A 385 -2.10 3.14 -2.50
CA GLY A 385 -2.43 3.66 -1.18
C GLY A 385 -3.48 2.87 -0.44
N VAL A 386 -3.86 1.68 -0.93
CA VAL A 386 -4.87 0.82 -0.30
C VAL A 386 -4.18 -0.34 0.43
N ARG A 387 -4.42 -0.45 1.73
CA ARG A 387 -3.86 -1.49 2.59
C ARG A 387 -5.01 -2.26 3.25
N TRP A 388 -5.09 -3.56 2.98
CA TRP A 388 -6.12 -4.43 3.54
C TRP A 388 -5.49 -5.34 4.59
N GLU A 389 -5.97 -5.23 5.84
CA GLU A 389 -5.48 -6.02 6.99
C GLU A 389 -6.60 -6.93 7.51
N SER A 390 -6.63 -8.17 7.04
CA SER A 390 -7.64 -9.16 7.46
C SER A 390 -7.20 -10.57 7.13
N HIS A 391 -7.57 -11.49 8.03
CA HIS A 391 -7.35 -12.93 7.91
C HIS A 391 -8.48 -13.60 7.12
N ILE A 392 -9.59 -12.87 6.88
CA ILE A 392 -10.77 -13.42 6.20
C ILE A 392 -10.55 -13.83 4.75
N TYR A 393 -11.30 -14.84 4.32
CA TYR A 393 -11.26 -15.38 2.96
C TYR A 393 -12.61 -16.04 2.62
N ALA A 394 -12.87 -16.29 1.32
CA ALA A 394 -14.11 -16.92 0.87
C ALA A 394 -14.17 -18.35 1.40
N GLY A 395 -15.27 -18.70 2.08
CA GLY A 395 -15.46 -20.02 2.67
C GLY A 395 -15.14 -20.08 4.15
N TYR A 396 -14.40 -19.06 4.66
CA TYR A 396 -14.02 -18.94 6.07
C TYR A 396 -15.26 -18.63 6.92
N THR A 397 -15.34 -19.25 8.11
CA THR A 397 -16.41 -19.01 9.08
C THR A 397 -15.86 -18.12 10.18
N VAL A 398 -16.55 -16.99 10.44
CA VAL A 398 -16.21 -16.06 11.52
C VAL A 398 -16.79 -16.71 12.78
N PRO A 399 -15.96 -17.20 13.72
CA PRO A 399 -16.52 -17.92 14.88
C PRO A 399 -17.35 -17.05 15.85
N PRO A 400 -18.37 -17.64 16.50
CA PRO A 400 -19.19 -16.86 17.46
C PRO A 400 -18.52 -16.58 18.80
N TYR A 401 -17.39 -17.23 19.07
CA TYR A 401 -16.66 -17.15 20.35
C TYR A 401 -15.83 -15.89 20.56
N TYR A 402 -15.57 -15.12 19.49
CA TYR A 402 -14.67 -13.96 19.59
C TYR A 402 -15.26 -12.62 19.22
N ASP A 403 -14.47 -11.55 19.37
CA ASP A 403 -14.88 -10.18 19.07
C ASP A 403 -15.30 -10.06 17.59
N SER A 404 -16.11 -9.06 17.26
CA SER A 404 -16.66 -8.85 15.91
C SER A 404 -15.65 -8.35 14.87
N MET A 405 -14.52 -7.71 15.30
CA MET A 405 -13.55 -7.14 14.37
C MET A 405 -12.80 -8.17 13.52
N ILE A 406 -13.15 -8.20 12.22
CA ILE A 406 -12.63 -9.14 11.23
C ILE A 406 -11.55 -8.58 10.31
N GLY A 407 -11.45 -7.26 10.25
CA GLY A 407 -10.47 -6.62 9.39
C GLY A 407 -10.38 -5.12 9.54
N LYS A 408 -9.40 -4.54 8.85
CA LYS A 408 -9.17 -3.10 8.84
C LYS A 408 -8.77 -2.70 7.44
N LEU A 409 -9.40 -1.64 6.95
CA LEU A 409 -9.13 -1.08 5.63
C LEU A 409 -8.42 0.25 5.85
N ILE A 410 -7.19 0.34 5.40
CA ILE A 410 -6.33 1.51 5.60
C ILE A 410 -5.99 2.14 4.26
N CYS A 411 -6.32 3.42 4.10
CA CYS A 411 -6.01 4.12 2.86
C CYS A 411 -5.10 5.31 3.13
N TYR A 412 -4.05 5.44 2.31
CA TYR A 412 -3.07 6.50 2.42
C TYR A 412 -3.10 7.39 1.17
N GLY A 413 -2.78 8.67 1.36
CA GLY A 413 -2.68 9.67 0.29
C GLY A 413 -1.75 10.80 0.69
N GLU A 414 -1.38 11.66 -0.28
CA GLU A 414 -0.48 12.82 -0.05
C GLU A 414 -1.11 13.87 0.87
N ASN A 415 -2.45 13.87 0.96
CA ASN A 415 -3.23 14.74 1.84
C ASN A 415 -4.46 13.98 2.36
N ARG A 416 -5.18 14.56 3.35
CA ARG A 416 -6.39 13.97 3.94
C ARG A 416 -7.49 13.65 2.92
N ASP A 417 -7.72 14.56 1.94
CA ASP A 417 -8.75 14.42 0.90
C ASP A 417 -8.53 13.22 0.00
N VAL A 418 -7.25 12.94 -0.35
CA VAL A 418 -6.87 11.83 -1.22
C VAL A 418 -7.10 10.49 -0.50
N ALA A 419 -6.73 10.41 0.79
CA ALA A 419 -6.93 9.24 1.62
C ALA A 419 -8.41 8.90 1.75
N ILE A 420 -9.27 9.93 1.95
CA ILE A 420 -10.74 9.76 2.04
C ILE A 420 -11.31 9.30 0.70
N ALA A 421 -10.88 9.92 -0.41
CA ALA A 421 -11.31 9.56 -1.79
C ALA A 421 -10.99 8.09 -2.08
N ARG A 422 -9.78 7.66 -1.71
CA ARG A 422 -9.30 6.28 -1.88
C ARG A 422 -10.08 5.30 -1.02
N MET A 423 -10.47 5.73 0.19
CA MET A 423 -11.26 4.96 1.13
C MET A 423 -12.68 4.73 0.59
N LYS A 424 -13.30 5.77 -0.01
CA LYS A 424 -14.63 5.66 -0.62
C LYS A 424 -14.61 4.61 -1.74
N ASN A 425 -13.56 4.64 -2.56
CA ASN A 425 -13.40 3.71 -3.67
C ASN A 425 -13.11 2.31 -3.20
N ALA A 426 -12.25 2.17 -2.17
CA ALA A 426 -11.90 0.86 -1.62
C ALA A 426 -13.10 0.18 -0.93
N LEU A 427 -13.93 0.97 -0.19
CA LEU A 427 -15.12 0.45 0.50
C LEU A 427 -16.16 -0.07 -0.48
N GLN A 428 -16.24 0.55 -1.67
CA GLN A 428 -17.13 0.17 -2.78
C GLN A 428 -16.73 -1.16 -3.44
N GLU A 429 -15.43 -1.53 -3.35
CA GLU A 429 -14.86 -2.76 -3.92
C GLU A 429 -14.90 -3.94 -2.96
N LEU A 430 -14.93 -3.65 -1.66
CA LEU A 430 -14.94 -4.67 -0.61
C LEU A 430 -16.25 -5.49 -0.57
N ILE A 431 -16.15 -6.78 -0.91
CA ILE A 431 -17.29 -7.69 -0.87
C ILE A 431 -17.11 -8.71 0.27
N ILE A 432 -18.09 -8.74 1.20
CA ILE A 432 -18.18 -9.69 2.32
C ILE A 432 -19.65 -10.15 2.38
N ASP A 433 -19.94 -11.32 1.81
CA ASP A 433 -21.30 -11.87 1.80
C ASP A 433 -21.41 -13.07 2.74
N GLY A 434 -22.62 -13.36 3.21
CA GLY A 434 -22.90 -14.47 4.10
C GLY A 434 -23.08 -14.02 5.54
N ILE A 435 -22.59 -12.82 5.85
CA ILE A 435 -22.65 -12.20 7.18
C ILE A 435 -22.93 -10.69 7.04
N LYS A 436 -23.43 -10.07 8.13
CA LYS A 436 -23.69 -8.63 8.23
C LYS A 436 -22.39 -7.93 8.61
N THR A 437 -22.11 -6.76 8.00
CA THR A 437 -20.93 -5.95 8.32
C THR A 437 -21.26 -4.47 8.52
N ASN A 438 -20.26 -3.68 8.95
CA ASN A 438 -20.41 -2.23 9.12
C ASN A 438 -19.89 -1.45 7.89
N VAL A 439 -19.69 -2.15 6.75
CA VAL A 439 -19.18 -1.57 5.49
C VAL A 439 -20.03 -0.35 5.07
N ASP A 440 -21.35 -0.51 5.05
CA ASP A 440 -22.29 0.55 4.69
C ASP A 440 -22.20 1.77 5.63
N LEU A 441 -22.01 1.53 6.95
CA LEU A 441 -21.82 2.60 7.95
C LEU A 441 -20.55 3.40 7.61
N GLN A 442 -19.46 2.68 7.25
CA GLN A 442 -18.18 3.29 6.89
C GLN A 442 -18.29 4.20 5.66
N ILE A 443 -19.09 3.78 4.65
CA ILE A 443 -19.38 4.57 3.45
C ILE A 443 -20.11 5.88 3.87
N ARG A 444 -21.08 5.77 4.80
CA ARG A 444 -21.82 6.91 5.36
C ARG A 444 -20.87 7.90 6.05
N ILE A 445 -19.91 7.39 6.85
CA ILE A 445 -18.91 8.22 7.55
C ILE A 445 -17.97 8.94 6.56
N MET A 446 -17.50 8.23 5.52
CA MET A 446 -16.64 8.85 4.51
C MET A 446 -17.37 9.97 3.75
N ASN A 447 -18.70 9.82 3.55
CA ASN A 447 -19.56 10.80 2.88
C ASN A 447 -20.06 11.95 3.78
N ASP A 448 -19.82 11.85 5.09
CA ASP A 448 -20.22 12.87 6.06
C ASP A 448 -19.39 14.15 5.91
N GLU A 449 -20.07 15.28 5.62
CA GLU A 449 -19.48 16.61 5.39
C GLU A 449 -18.69 17.15 6.58
N ASN A 450 -19.10 16.78 7.81
CA ASN A 450 -18.39 17.20 9.02
C ASN A 450 -17.08 16.41 9.13
N PHE A 451 -17.13 15.07 8.89
CA PHE A 451 -15.93 14.23 8.85
C PHE A 451 -14.99 14.72 7.74
N GLN A 452 -15.54 15.04 6.55
CA GLN A 452 -14.76 15.55 5.42
C GLN A 452 -14.06 16.86 5.76
N HIS A 453 -14.72 17.73 6.55
CA HIS A 453 -14.13 18.98 7.02
C HIS A 453 -13.03 18.66 8.05
N GLY A 454 -13.31 17.71 8.96
CA GLY A 454 -12.39 17.26 9.98
C GLY A 454 -12.60 17.89 11.34
N GLY A 455 -11.97 17.31 12.35
CA GLY A 455 -12.02 17.79 13.72
C GLY A 455 -13.27 17.52 14.53
N THR A 456 -14.14 16.58 14.09
CA THR A 456 -15.35 16.22 14.85
C THR A 456 -14.96 15.58 16.18
N ASN A 457 -15.73 15.87 17.24
CA ASN A 457 -15.48 15.40 18.60
C ASN A 457 -15.92 13.93 18.83
N ILE A 458 -15.66 13.41 20.04
CA ILE A 458 -15.95 12.04 20.46
C ILE A 458 -17.44 11.66 20.54
N HIS A 459 -18.34 12.67 20.58
CA HIS A 459 -19.79 12.45 20.69
C HIS A 459 -20.49 12.56 19.35
N TYR A 460 -19.77 12.98 18.30
CA TYR A 460 -20.31 13.17 16.96
C TYR A 460 -21.02 11.97 16.35
N LEU A 461 -20.35 10.79 16.31
CA LEU A 461 -20.93 9.59 15.69
C LEU A 461 -22.26 9.15 16.31
N GLU A 462 -22.40 9.21 17.64
CA GLU A 462 -23.66 8.83 18.30
C GLU A 462 -24.75 9.84 17.97
N LYS A 463 -24.42 11.15 17.94
CA LYS A 463 -25.35 12.23 17.60
C LYS A 463 -25.84 12.08 16.16
N LYS A 464 -24.90 11.83 15.19
CA LYS A 464 -25.22 11.62 13.78
C LYS A 464 -26.18 10.44 13.58
N LEU A 465 -25.92 9.33 14.27
CA LEU A 465 -26.77 8.13 14.15
C LEU A 465 -28.11 8.24 14.87
N GLY A 466 -28.19 9.12 15.87
CA GLY A 466 -29.39 9.36 16.66
C GLY A 466 -30.48 10.11 15.91
N ARG B 20 -9.80 24.10 -9.59
CA ARG B 20 -9.31 23.83 -10.94
C ARG B 20 -10.28 22.99 -11.77
N HIS B 21 -10.32 23.23 -13.10
CA HIS B 21 -11.18 22.52 -14.06
C HIS B 21 -10.73 21.07 -14.25
N MET B 22 -11.71 20.16 -14.27
CA MET B 22 -11.48 18.73 -14.45
C MET B 22 -12.39 18.16 -15.52
N LEU B 23 -11.90 17.11 -16.23
CA LEU B 23 -12.63 16.35 -17.26
C LEU B 23 -13.87 15.75 -16.61
N ASP B 24 -15.04 15.98 -17.24
CA ASP B 24 -16.33 15.49 -16.72
C ASP B 24 -16.45 13.99 -16.80
N LYS B 25 -16.17 13.44 -17.99
CA LYS B 25 -16.36 12.05 -18.35
C LYS B 25 -15.31 11.62 -19.35
N ILE B 26 -14.77 10.41 -19.17
CA ILE B 26 -13.79 9.85 -20.10
C ILE B 26 -14.16 8.42 -20.49
N VAL B 27 -13.67 8.00 -21.66
CA VAL B 27 -13.78 6.65 -22.17
C VAL B 27 -12.46 5.98 -21.81
N ILE B 28 -12.53 4.81 -21.15
CA ILE B 28 -11.36 4.02 -20.85
C ILE B 28 -11.16 3.06 -22.04
N ALA B 29 -10.32 3.45 -23.02
CA ALA B 29 -10.08 2.63 -24.23
C ALA B 29 -9.04 1.54 -23.96
N ASN B 30 -9.38 0.62 -23.05
CA ASN B 30 -8.52 -0.51 -22.67
C ASN B 30 -9.30 -1.59 -21.93
N ARG B 31 -8.59 -2.54 -21.31
CA ARG B 31 -9.18 -3.68 -20.61
C ARG B 31 -8.29 -4.16 -19.46
N GLY B 32 -8.77 -5.15 -18.73
CA GLY B 32 -8.04 -5.79 -17.65
C GLY B 32 -7.57 -4.88 -16.53
N GLU B 33 -6.35 -5.13 -16.05
CA GLU B 33 -5.74 -4.41 -14.94
C GLU B 33 -5.58 -2.89 -15.16
N ILE B 34 -5.12 -2.47 -16.37
CA ILE B 34 -4.92 -1.04 -16.62
C ILE B 34 -6.22 -0.27 -16.70
N ALA B 35 -7.28 -0.92 -17.21
CA ALA B 35 -8.59 -0.27 -17.29
C ALA B 35 -9.11 0.00 -15.89
N LEU B 36 -8.91 -0.97 -14.95
CA LEU B 36 -9.28 -0.85 -13.54
C LEU B 36 -8.42 0.21 -12.84
N ARG B 37 -7.11 0.24 -13.14
CA ARG B 37 -6.17 1.25 -12.64
C ARG B 37 -6.66 2.66 -13.02
N ILE B 38 -7.02 2.86 -14.31
CA ILE B 38 -7.53 4.14 -14.83
C ILE B 38 -8.88 4.51 -14.17
N LEU B 39 -9.77 3.51 -13.99
CA LEU B 39 -11.07 3.72 -13.35
C LEU B 39 -10.90 4.29 -11.92
N ARG B 40 -10.00 3.70 -11.11
CA ARG B 40 -9.74 4.16 -9.73
C ARG B 40 -9.24 5.59 -9.72
N ALA B 41 -8.32 5.93 -10.62
CA ALA B 41 -7.81 7.29 -10.71
C ALA B 41 -8.92 8.29 -11.07
N CYS B 42 -9.85 7.90 -11.98
CA CYS B 42 -10.99 8.73 -12.40
C CYS B 42 -11.92 9.00 -11.21
N LYS B 43 -12.30 7.94 -10.48
CA LYS B 43 -13.18 7.99 -9.30
C LYS B 43 -12.62 8.92 -8.21
N GLU B 44 -11.30 8.85 -7.97
CA GLU B 44 -10.62 9.71 -7.00
C GLU B 44 -10.74 11.17 -7.41
N LEU B 45 -10.73 11.45 -8.73
CA LEU B 45 -10.83 12.82 -9.28
C LEU B 45 -12.26 13.27 -9.60
N GLY B 46 -13.24 12.41 -9.33
CA GLY B 46 -14.65 12.69 -9.60
C GLY B 46 -14.99 12.72 -11.07
N ILE B 47 -14.23 12.00 -11.91
CA ILE B 47 -14.46 11.90 -13.35
C ILE B 47 -15.39 10.72 -13.61
N LYS B 48 -16.49 10.93 -14.37
CA LYS B 48 -17.43 9.86 -14.73
C LYS B 48 -16.71 8.92 -15.73
N THR B 49 -16.93 7.61 -15.60
CA THR B 49 -16.27 6.60 -16.42
C THR B 49 -17.17 5.95 -17.43
N VAL B 50 -16.58 5.65 -18.60
CA VAL B 50 -17.22 4.94 -19.69
C VAL B 50 -16.32 3.76 -19.98
N ALA B 51 -16.80 2.55 -19.66
CA ALA B 51 -16.07 1.35 -19.95
C ALA B 51 -16.52 0.83 -21.31
N VAL B 52 -15.60 0.87 -22.29
CA VAL B 52 -15.84 0.29 -23.62
C VAL B 52 -15.29 -1.13 -23.53
N HIS B 53 -16.06 -2.12 -23.96
CA HIS B 53 -15.61 -3.51 -23.85
C HIS B 53 -16.04 -4.38 -25.03
N SER B 54 -15.32 -5.49 -25.24
CA SER B 54 -15.65 -6.48 -26.26
C SER B 54 -16.73 -7.37 -25.65
N SER B 55 -17.40 -8.20 -26.46
CA SER B 55 -18.46 -9.10 -25.96
C SER B 55 -17.94 -10.12 -24.92
N ALA B 56 -16.64 -10.48 -25.01
CA ALA B 56 -15.98 -11.41 -24.11
C ALA B 56 -15.59 -10.78 -22.77
N ASP B 57 -15.69 -9.45 -22.65
CA ASP B 57 -15.22 -8.71 -21.49
C ASP B 57 -16.30 -8.00 -20.67
N ARG B 58 -17.53 -8.50 -20.71
CA ARG B 58 -18.68 -7.95 -19.96
C ARG B 58 -18.52 -8.13 -18.43
N ASP B 59 -17.82 -9.19 -18.00
CA ASP B 59 -17.61 -9.50 -16.59
C ASP B 59 -16.31 -8.95 -16.03
N LEU B 60 -15.67 -7.99 -16.73
CA LEU B 60 -14.43 -7.39 -16.24
C LEU B 60 -14.77 -6.56 -15.01
N LYS B 61 -13.94 -6.61 -13.95
CA LYS B 61 -14.16 -5.85 -12.72
C LYS B 61 -14.44 -4.36 -12.99
N HIS B 62 -13.60 -3.68 -13.80
CA HIS B 62 -13.81 -2.25 -14.10
C HIS B 62 -15.12 -1.98 -14.86
N VAL B 63 -15.52 -2.91 -15.76
CA VAL B 63 -16.79 -2.80 -16.49
C VAL B 63 -17.93 -2.82 -15.46
N LEU B 64 -17.84 -3.74 -14.46
CA LEU B 64 -18.83 -3.88 -13.38
C LEU B 64 -18.90 -2.66 -12.43
N LEU B 65 -17.81 -1.89 -12.33
CA LEU B 65 -17.72 -0.72 -11.48
C LEU B 65 -17.90 0.61 -12.21
N ALA B 66 -17.85 0.59 -13.55
CA ALA B 66 -17.96 1.83 -14.36
C ALA B 66 -19.33 2.47 -14.27
N ASP B 67 -19.38 3.81 -14.43
CA ASP B 67 -20.63 4.57 -14.40
C ASP B 67 -21.50 4.24 -15.63
N GLU B 68 -20.86 4.09 -16.80
CA GLU B 68 -21.51 3.74 -18.06
C GLU B 68 -20.71 2.68 -18.76
N THR B 69 -21.38 1.81 -19.52
CA THR B 69 -20.72 0.75 -20.29
C THR B 69 -21.20 0.76 -21.74
N VAL B 70 -20.30 0.43 -22.67
CA VAL B 70 -20.63 0.36 -24.09
C VAL B 70 -19.91 -0.85 -24.67
N CYS B 71 -20.69 -1.81 -25.18
CA CYS B 71 -20.12 -2.99 -25.83
C CYS B 71 -19.76 -2.53 -27.24
N ILE B 72 -18.47 -2.55 -27.58
CA ILE B 72 -17.96 -2.02 -28.85
C ILE B 72 -17.71 -3.04 -29.98
N GLY B 73 -17.95 -4.30 -29.71
CA GLY B 73 -17.75 -5.34 -30.72
C GLY B 73 -17.43 -6.71 -30.16
N PRO B 74 -17.23 -7.70 -31.07
CA PRO B 74 -16.94 -9.08 -30.61
C PRO B 74 -15.53 -9.21 -30.04
N ALA B 75 -15.20 -10.40 -29.51
CA ALA B 75 -13.91 -10.72 -28.88
C ALA B 75 -12.62 -10.33 -29.62
N PRO B 76 -12.41 -10.61 -30.94
CA PRO B 76 -11.13 -10.23 -31.57
C PRO B 76 -10.88 -8.74 -31.48
N SER B 77 -9.67 -8.35 -31.05
CA SER B 77 -9.25 -6.96 -30.82
C SER B 77 -9.47 -6.04 -32.01
N VAL B 78 -9.33 -6.57 -33.25
CA VAL B 78 -9.53 -5.81 -34.51
C VAL B 78 -10.93 -5.17 -34.56
N LYS B 79 -11.96 -5.87 -34.02
CA LYS B 79 -13.34 -5.40 -34.03
C LYS B 79 -13.81 -4.77 -32.73
N SER B 80 -12.96 -4.79 -31.70
CA SER B 80 -13.25 -4.18 -30.42
C SER B 80 -12.18 -3.17 -29.99
N TYR B 81 -11.12 -3.61 -29.30
CA TYR B 81 -10.08 -2.70 -28.77
C TYR B 81 -9.20 -1.91 -29.76
N LEU B 82 -9.19 -2.32 -31.04
CA LEU B 82 -8.43 -1.66 -32.09
C LEU B 82 -9.38 -0.95 -33.05
N ASN B 83 -10.69 -1.06 -32.79
CA ASN B 83 -11.76 -0.49 -33.61
C ASN B 83 -11.93 1.02 -33.34
N ILE B 84 -11.19 1.84 -34.11
CA ILE B 84 -11.19 3.31 -34.03
C ILE B 84 -12.61 3.91 -34.14
N PRO B 85 -13.44 3.63 -35.20
CA PRO B 85 -14.80 4.23 -35.25
C PRO B 85 -15.69 3.90 -34.06
N ALA B 86 -15.72 2.62 -33.58
CA ALA B 86 -16.57 2.20 -32.47
C ALA B 86 -16.18 2.88 -31.15
N ILE B 87 -14.86 3.05 -30.90
CA ILE B 87 -14.32 3.72 -29.70
C ILE B 87 -14.69 5.20 -29.71
N ILE B 88 -14.45 5.90 -30.85
CA ILE B 88 -14.81 7.32 -31.02
C ILE B 88 -16.33 7.49 -30.92
N SER B 89 -17.09 6.55 -31.51
CA SER B 89 -18.56 6.54 -31.47
C SER B 89 -19.09 6.39 -30.05
N ALA B 90 -18.41 5.60 -29.19
CA ALA B 90 -18.82 5.42 -27.81
C ALA B 90 -18.58 6.70 -27.00
N ALA B 91 -17.53 7.49 -27.35
CA ALA B 91 -17.26 8.77 -26.68
C ALA B 91 -18.36 9.77 -27.03
N GLU B 92 -18.79 9.77 -28.29
CA GLU B 92 -19.84 10.64 -28.80
C GLU B 92 -21.21 10.32 -28.18
N ILE B 93 -21.59 9.05 -28.21
CA ILE B 93 -22.84 8.55 -27.63
C ILE B 93 -22.98 8.86 -26.13
N THR B 94 -21.91 8.69 -25.36
CA THR B 94 -21.95 8.92 -23.91
C THR B 94 -21.73 10.38 -23.48
N GLY B 95 -21.29 11.21 -24.43
CA GLY B 95 -20.96 12.60 -24.16
C GLY B 95 -19.66 12.72 -23.40
N ALA B 96 -18.72 11.77 -23.62
CA ALA B 96 -17.39 11.79 -23.00
C ALA B 96 -16.55 12.91 -23.63
N VAL B 97 -15.57 13.43 -22.89
CA VAL B 97 -14.74 14.55 -23.35
C VAL B 97 -13.31 14.13 -23.72
N ALA B 98 -12.89 12.96 -23.25
CA ALA B 98 -11.54 12.47 -23.40
C ALA B 98 -11.47 10.96 -23.50
N ILE B 99 -10.36 10.47 -24.08
CA ILE B 99 -10.11 9.05 -24.26
C ILE B 99 -8.73 8.70 -23.68
N HIS B 100 -8.70 7.71 -22.75
CA HIS B 100 -7.46 7.19 -22.17
C HIS B 100 -7.15 5.88 -22.88
N PRO B 101 -6.05 5.83 -23.66
CA PRO B 101 -5.72 4.60 -24.40
C PRO B 101 -5.02 3.49 -23.59
N GLY B 102 -4.59 3.82 -22.36
CA GLY B 102 -3.84 2.92 -21.48
C GLY B 102 -2.50 2.61 -22.10
N TYR B 103 -2.13 1.31 -22.11
CA TYR B 103 -0.90 0.81 -22.77
C TYR B 103 -1.32 -0.27 -23.76
N GLY B 104 -0.46 -0.54 -24.74
CA GLY B 104 -0.78 -1.51 -25.79
C GLY B 104 -1.89 -0.97 -26.67
N PHE B 105 -2.62 -1.85 -27.36
CA PHE B 105 -3.73 -1.50 -28.25
C PHE B 105 -3.48 -0.27 -29.15
N LEU B 106 -4.20 0.84 -28.92
CA LEU B 106 -4.09 2.05 -29.75
C LEU B 106 -3.29 3.20 -29.12
N SER B 107 -2.60 2.94 -27.98
CA SER B 107 -1.84 3.93 -27.23
C SER B 107 -0.68 4.63 -27.96
N GLU B 108 -0.04 3.95 -28.91
CA GLU B 108 1.05 4.55 -29.68
C GLU B 108 0.65 4.70 -31.16
N ASN B 109 -0.65 4.56 -31.44
CA ASN B 109 -1.22 4.72 -32.77
C ASN B 109 -1.50 6.21 -33.03
N ALA B 110 -0.62 6.86 -33.81
CA ALA B 110 -0.72 8.29 -34.17
C ALA B 110 -1.97 8.63 -34.99
N ASN B 111 -2.46 7.69 -35.83
CA ASN B 111 -3.69 7.90 -36.62
C ASN B 111 -4.90 8.00 -35.71
N PHE B 112 -4.97 7.13 -34.67
CA PHE B 112 -6.05 7.12 -33.68
C PHE B 112 -6.09 8.44 -32.90
N ALA B 113 -4.94 8.88 -32.37
CA ALA B 113 -4.80 10.13 -31.64
C ALA B 113 -5.19 11.34 -32.50
N GLU B 114 -4.86 11.30 -33.81
CA GLU B 114 -5.23 12.32 -34.79
C GLU B 114 -6.75 12.31 -34.98
N GLN B 115 -7.34 11.12 -35.17
CA GLN B 115 -8.79 10.96 -35.33
C GLN B 115 -9.56 11.40 -34.09
N VAL B 116 -9.01 11.16 -32.88
CA VAL B 116 -9.60 11.59 -31.60
C VAL B 116 -9.65 13.13 -31.54
N GLU B 117 -8.51 13.82 -31.80
CA GLU B 117 -8.37 15.28 -31.80
C GLU B 117 -9.36 15.86 -32.82
N ARG B 118 -9.34 15.32 -34.06
CA ARG B 118 -10.20 15.68 -35.19
C ARG B 118 -11.69 15.60 -34.79
N SER B 119 -12.07 14.56 -34.02
CA SER B 119 -13.45 14.36 -33.56
C SER B 119 -13.84 15.26 -32.39
N GLY B 120 -12.91 16.09 -31.93
CA GLY B 120 -13.16 17.03 -30.84
C GLY B 120 -13.00 16.48 -29.43
N PHE B 121 -12.42 15.29 -29.29
CA PHE B 121 -12.16 14.71 -27.97
C PHE B 121 -10.69 14.84 -27.61
N ILE B 122 -10.39 14.86 -26.32
CA ILE B 122 -9.02 14.94 -25.84
C ILE B 122 -8.43 13.56 -25.82
N PHE B 123 -7.21 13.44 -26.36
CA PHE B 123 -6.49 12.20 -26.37
C PHE B 123 -5.56 12.29 -25.15
N ILE B 124 -5.79 11.44 -24.13
CA ILE B 124 -4.96 11.45 -22.92
C ILE B 124 -3.57 10.82 -23.26
N GLY B 125 -2.71 11.67 -23.80
CA GLY B 125 -1.36 11.33 -24.25
C GLY B 125 -0.68 12.50 -24.93
N PRO B 126 0.43 12.28 -25.68
CA PRO B 126 1.09 13.43 -26.35
C PRO B 126 0.37 13.78 -27.65
N LYS B 127 0.82 14.87 -28.32
CA LYS B 127 0.26 15.24 -29.63
C LYS B 127 0.53 14.07 -30.59
N ALA B 128 -0.33 13.91 -31.60
CA ALA B 128 -0.20 12.88 -32.62
C ALA B 128 1.16 12.96 -33.31
N GLU B 129 1.61 14.19 -33.70
CA GLU B 129 2.90 14.41 -34.36
C GLU B 129 4.10 13.98 -33.50
N THR B 130 3.99 14.07 -32.15
CA THR B 130 5.02 13.64 -31.20
C THR B 130 5.08 12.12 -31.21
N ILE B 131 3.90 11.44 -31.25
CA ILE B 131 3.80 9.97 -31.31
C ILE B 131 4.46 9.52 -32.61
N ARG B 132 4.13 10.19 -33.73
CA ARG B 132 4.67 9.93 -35.06
C ARG B 132 6.19 10.06 -35.07
N LEU B 133 6.72 11.15 -34.48
CA LEU B 133 8.16 11.44 -34.40
C LEU B 133 8.92 10.38 -33.61
N MET B 134 8.43 10.03 -32.40
CA MET B 134 9.07 9.04 -31.52
C MET B 134 8.84 7.62 -31.97
N GLY B 135 7.79 7.41 -32.75
CA GLY B 135 7.43 6.12 -33.34
C GLY B 135 8.34 5.76 -34.50
N ASP B 136 8.98 6.78 -35.11
CA ASP B 136 9.95 6.59 -36.18
C ASP B 136 11.31 6.63 -35.50
N LYS B 137 11.90 5.45 -35.29
CA LYS B 137 13.15 5.26 -34.56
C LYS B 137 14.37 6.03 -35.05
N VAL B 138 14.51 6.20 -36.38
CA VAL B 138 15.62 6.96 -36.97
C VAL B 138 15.49 8.44 -36.61
N SER B 139 14.29 9.03 -36.82
CA SER B 139 13.97 10.42 -36.51
C SER B 139 14.04 10.69 -35.01
N ALA B 140 13.57 9.71 -34.20
CA ALA B 140 13.58 9.80 -32.73
C ALA B 140 15.01 9.87 -32.19
N ILE B 141 15.93 9.07 -32.75
CA ILE B 141 17.34 9.10 -32.34
C ILE B 141 17.97 10.45 -32.72
N ALA B 142 17.69 10.94 -33.95
CA ALA B 142 18.24 12.23 -34.40
C ALA B 142 17.77 13.37 -33.50
N ALA B 143 16.49 13.34 -33.06
CA ALA B 143 15.94 14.34 -32.14
C ALA B 143 16.57 14.27 -30.76
N MET B 144 16.83 13.03 -30.25
CA MET B 144 17.46 12.82 -28.94
C MET B 144 18.91 13.27 -28.91
N LYS B 145 19.68 12.89 -29.95
CA LYS B 145 21.08 13.27 -30.10
C LYS B 145 21.23 14.79 -30.14
N LYS B 146 20.35 15.48 -30.88
CA LYS B 146 20.29 16.95 -31.00
C LYS B 146 19.99 17.62 -29.65
N ALA B 147 19.13 16.97 -28.83
CA ALA B 147 18.71 17.46 -27.51
C ALA B 147 19.73 17.27 -26.42
N GLY B 148 20.71 16.38 -26.63
CA GLY B 148 21.74 16.07 -25.65
C GLY B 148 21.55 14.75 -24.93
N VAL B 149 20.58 13.91 -25.38
CA VAL B 149 20.34 12.60 -24.78
C VAL B 149 21.39 11.61 -25.36
N PRO B 150 22.18 10.93 -24.49
CA PRO B 150 23.18 9.97 -25.02
C PRO B 150 22.54 8.79 -25.75
N CYS B 151 23.06 8.50 -26.95
CA CYS B 151 22.55 7.47 -27.85
C CYS B 151 23.54 6.37 -28.11
N VAL B 152 23.04 5.22 -28.62
CA VAL B 152 23.90 4.09 -28.99
C VAL B 152 24.65 4.54 -30.28
N PRO B 153 26.00 4.38 -30.38
CA PRO B 153 26.67 4.74 -31.64
C PRO B 153 26.13 3.86 -32.77
N GLY B 154 25.77 4.50 -33.86
CA GLY B 154 25.16 3.81 -34.99
C GLY B 154 25.24 4.56 -36.29
N SER B 155 24.44 4.13 -37.28
CA SER B 155 24.43 4.71 -38.62
C SER B 155 24.02 6.19 -38.64
N ASP B 156 23.23 6.64 -37.64
CA ASP B 156 22.71 8.01 -37.54
C ASP B 156 21.98 8.44 -38.83
N GLY B 157 21.14 7.54 -39.31
CA GLY B 157 20.36 7.71 -40.52
C GLY B 157 20.06 6.37 -41.18
N PRO B 158 19.21 6.36 -42.22
CA PRO B 158 18.89 5.08 -42.88
C PRO B 158 20.03 4.46 -43.67
N LEU B 159 20.01 3.11 -43.79
CA LEU B 159 21.00 2.39 -44.57
C LEU B 159 20.54 2.32 -46.02
N GLY B 160 21.48 2.53 -46.95
CA GLY B 160 21.24 2.39 -48.37
C GLY B 160 21.46 0.95 -48.81
N ASP B 161 21.49 0.72 -50.14
CA ASP B 161 21.71 -0.63 -50.68
C ASP B 161 23.19 -0.92 -51.01
N ASP B 162 24.03 0.12 -50.99
CA ASP B 162 25.47 0.03 -51.26
C ASP B 162 26.18 -0.67 -50.08
N MET B 163 26.55 -1.95 -50.29
CA MET B 163 27.21 -2.78 -49.27
C MET B 163 28.63 -2.36 -48.87
N ASP B 164 29.33 -1.60 -49.73
CA ASP B 164 30.66 -1.07 -49.39
C ASP B 164 30.49 -0.01 -48.27
N LYS B 165 29.45 0.83 -48.40
CA LYS B 165 29.09 1.87 -47.44
C LYS B 165 28.61 1.22 -46.12
N ASN B 166 27.82 0.13 -46.22
CA ASN B 166 27.32 -0.59 -45.04
C ASN B 166 28.44 -1.29 -44.28
N ARG B 167 29.44 -1.86 -44.99
CA ARG B 167 30.62 -2.48 -44.35
C ARG B 167 31.46 -1.38 -43.67
N ALA B 168 31.58 -0.19 -44.29
CA ALA B 168 32.31 0.96 -43.74
C ALA B 168 31.68 1.50 -42.44
N ILE B 169 30.32 1.58 -42.39
CA ILE B 169 29.55 1.99 -41.21
C ILE B 169 29.78 0.98 -40.07
N ALA B 170 29.69 -0.35 -40.38
CA ALA B 170 29.89 -1.46 -39.44
C ALA B 170 31.32 -1.48 -38.85
N LYS B 171 32.34 -1.16 -39.66
CA LYS B 171 33.73 -1.11 -39.23
C LYS B 171 33.96 0.07 -38.27
N ARG B 172 33.36 1.25 -38.57
CA ARG B 172 33.43 2.47 -37.75
C ARG B 172 32.77 2.23 -36.39
N ILE B 173 31.58 1.61 -36.38
CA ILE B 173 30.84 1.26 -35.16
C ILE B 173 31.64 0.18 -34.38
N GLY B 174 32.08 -0.85 -35.10
CA GLY B 174 32.79 -1.98 -34.55
C GLY B 174 31.83 -3.08 -34.21
N TYR B 175 32.06 -4.28 -34.78
CA TYR B 175 31.24 -5.48 -34.57
C TYR B 175 31.28 -5.95 -33.10
N PRO B 176 30.21 -6.60 -32.57
CA PRO B 176 28.93 -6.91 -33.22
C PRO B 176 28.05 -5.66 -33.39
N VAL B 177 27.21 -5.68 -34.42
CA VAL B 177 26.24 -4.62 -34.71
C VAL B 177 24.84 -5.23 -34.75
N ILE B 178 23.84 -4.36 -34.76
CA ILE B 178 22.44 -4.78 -34.84
C ILE B 178 21.74 -3.96 -35.92
N ILE B 179 21.05 -4.67 -36.82
CA ILE B 179 20.27 -4.05 -37.89
C ILE B 179 18.88 -3.89 -37.30
N LYS B 180 18.34 -2.67 -37.36
CA LYS B 180 17.04 -2.36 -36.75
C LYS B 180 16.10 -1.63 -37.71
N ALA B 181 14.80 -1.97 -37.65
CA ALA B 181 13.75 -1.36 -38.45
C ALA B 181 13.30 -0.05 -37.82
N SER B 182 13.22 1.01 -38.63
CA SER B 182 12.77 2.34 -38.19
C SER B 182 11.31 2.31 -37.73
N GLY B 183 10.52 1.39 -38.28
CA GLY B 183 9.14 1.17 -37.89
C GLY B 183 8.97 0.13 -36.81
N GLY B 184 10.08 -0.42 -36.32
CA GLY B 184 10.12 -1.44 -35.28
C GLY B 184 10.03 -0.84 -33.88
N GLY B 185 10.30 -1.67 -32.88
CA GLY B 185 10.23 -1.22 -31.50
C GLY B 185 10.02 -2.38 -30.54
N GLY B 186 10.44 -2.16 -29.29
CA GLY B 186 10.36 -3.19 -28.25
C GLY B 186 11.21 -4.37 -28.65
N GLY B 187 10.57 -5.51 -28.80
CA GLY B 187 11.24 -6.74 -29.21
C GLY B 187 11.09 -7.16 -30.66
N ARG B 188 10.65 -6.23 -31.54
CA ARG B 188 10.42 -6.54 -32.96
C ARG B 188 11.20 -5.66 -33.94
N GLY B 189 11.66 -6.27 -35.03
CA GLY B 189 12.35 -5.61 -36.14
C GLY B 189 13.84 -5.38 -35.97
N MET B 190 14.58 -6.40 -35.53
CA MET B 190 16.04 -6.31 -35.34
C MET B 190 16.78 -7.63 -35.61
N ARG B 191 18.06 -7.53 -35.98
CA ARG B 191 18.92 -8.69 -36.26
C ARG B 191 20.40 -8.38 -35.94
N VAL B 192 21.02 -9.21 -35.09
CA VAL B 192 22.42 -9.09 -34.67
C VAL B 192 23.34 -9.63 -35.80
N VAL B 193 24.40 -8.86 -36.12
CA VAL B 193 25.43 -9.20 -37.12
C VAL B 193 26.77 -9.21 -36.41
N ARG B 194 27.51 -10.33 -36.50
CA ARG B 194 28.79 -10.46 -35.83
C ARG B 194 30.03 -10.23 -36.70
N GLY B 195 29.83 -10.21 -38.02
CA GLY B 195 30.90 -9.99 -38.99
C GLY B 195 30.41 -9.69 -40.39
N ASP B 196 31.31 -9.23 -41.25
CA ASP B 196 31.04 -8.88 -42.66
C ASP B 196 30.34 -9.93 -43.49
N ALA B 197 30.63 -11.23 -43.22
CA ALA B 197 30.06 -12.36 -43.96
C ALA B 197 28.52 -12.42 -43.90
N GLU B 198 27.94 -12.04 -42.74
CA GLU B 198 26.49 -12.05 -42.48
C GLU B 198 25.78 -10.72 -42.76
N LEU B 199 26.53 -9.61 -42.94
CA LEU B 199 26.00 -8.26 -43.13
C LEU B 199 24.92 -8.05 -44.19
N ALA B 200 25.21 -8.35 -45.47
CA ALA B 200 24.30 -8.15 -46.60
C ALA B 200 22.97 -8.86 -46.43
N GLN B 201 23.02 -10.16 -46.07
CA GLN B 201 21.86 -11.03 -45.87
C GLN B 201 21.04 -10.56 -44.69
N SER B 202 21.69 -10.22 -43.55
CA SER B 202 21.02 -9.69 -42.35
C SER B 202 20.29 -8.38 -42.65
N ILE B 203 20.91 -7.47 -43.44
CA ILE B 203 20.28 -6.21 -43.85
C ILE B 203 19.05 -6.50 -44.73
N SER B 204 19.23 -7.35 -45.75
CA SER B 204 18.17 -7.73 -46.68
C SER B 204 17.01 -8.41 -45.96
N MET B 205 17.31 -9.33 -45.04
CA MET B 205 16.28 -10.02 -44.24
C MET B 205 15.52 -9.05 -43.33
N THR B 206 16.22 -8.08 -42.72
CA THR B 206 15.59 -7.08 -41.84
C THR B 206 14.64 -6.19 -42.64
N ARG B 207 15.07 -5.77 -43.86
CA ARG B 207 14.27 -4.96 -44.79
C ARG B 207 12.96 -5.66 -45.17
N ALA B 208 13.05 -6.94 -45.60
CA ALA B 208 11.90 -7.73 -46.03
C ALA B 208 10.89 -7.92 -44.89
N GLU B 209 11.41 -8.22 -43.67
CA GLU B 209 10.62 -8.39 -42.45
C GLU B 209 9.94 -7.07 -42.06
N ALA B 210 10.69 -5.94 -42.18
CA ALA B 210 10.21 -4.59 -41.87
C ALA B 210 9.10 -4.16 -42.83
N LYS B 211 9.26 -4.44 -44.14
CA LYS B 211 8.27 -4.14 -45.18
C LYS B 211 6.97 -4.91 -44.93
N ALA B 212 7.07 -6.20 -44.56
CA ALA B 212 5.91 -7.06 -44.30
C ALA B 212 5.17 -6.67 -43.02
N ALA B 213 5.90 -6.36 -41.94
CA ALA B 213 5.30 -6.02 -40.65
C ALA B 213 4.86 -4.58 -40.50
N PHE B 214 5.69 -3.63 -40.99
CA PHE B 214 5.44 -2.20 -40.76
C PHE B 214 5.13 -1.36 -41.99
N SER B 215 5.13 -1.97 -43.20
CA SER B 215 4.89 -1.26 -44.48
C SER B 215 5.87 -0.06 -44.58
N ASN B 216 7.09 -0.32 -44.11
CA ASN B 216 8.21 0.61 -44.03
C ASN B 216 9.46 -0.26 -43.96
N ASP B 217 10.26 -0.23 -45.05
CA ASP B 217 11.47 -1.04 -45.19
C ASP B 217 12.76 -0.33 -44.69
N MET B 218 12.62 0.84 -44.04
CA MET B 218 13.76 1.61 -43.54
C MET B 218 14.42 0.92 -42.35
N VAL B 219 15.74 0.75 -42.45
CA VAL B 219 16.59 0.13 -41.45
C VAL B 219 17.75 1.04 -41.11
N TYR B 220 18.30 0.86 -39.92
CA TYR B 220 19.48 1.58 -39.46
C TYR B 220 20.38 0.62 -38.71
N MET B 221 21.64 1.01 -38.51
CA MET B 221 22.64 0.20 -37.81
C MET B 221 22.95 0.82 -36.46
N GLU B 222 23.15 -0.04 -35.47
CA GLU B 222 23.45 0.33 -34.10
C GLU B 222 24.52 -0.62 -33.56
N LYS B 223 25.35 -0.13 -32.62
CA LYS B 223 26.34 -0.94 -31.95
C LYS B 223 25.60 -1.91 -31.02
N TYR B 224 25.96 -3.20 -31.07
CA TYR B 224 25.34 -4.20 -30.21
C TYR B 224 26.11 -4.27 -28.89
N LEU B 225 25.40 -4.11 -27.75
CA LEU B 225 26.01 -4.16 -26.41
C LEU B 225 25.91 -5.58 -25.87
N GLU B 226 27.02 -6.12 -25.33
CA GLU B 226 27.06 -7.50 -24.85
C GLU B 226 26.31 -7.81 -23.55
N ASN B 227 26.59 -7.07 -22.45
CA ASN B 227 25.92 -7.27 -21.16
C ASN B 227 25.17 -6.02 -20.64
N PRO B 228 24.14 -5.51 -21.37
CA PRO B 228 23.46 -4.31 -20.88
C PRO B 228 22.30 -4.59 -19.92
N ARG B 229 21.97 -3.56 -19.13
CA ARG B 229 20.80 -3.55 -18.27
C ARG B 229 19.77 -2.64 -18.93
N HIS B 230 18.49 -3.00 -18.81
CA HIS B 230 17.40 -2.21 -19.39
C HIS B 230 16.91 -1.29 -18.27
N VAL B 231 17.32 -0.01 -18.35
CA VAL B 231 17.03 1.04 -17.39
C VAL B 231 16.24 2.16 -18.09
N GLU B 232 15.08 2.53 -17.55
CA GLU B 232 14.23 3.52 -18.17
C GLU B 232 13.86 4.70 -17.26
N ILE B 233 13.80 5.93 -17.83
CA ILE B 233 13.49 7.16 -17.08
C ILE B 233 12.03 7.56 -17.27
N GLN B 234 11.30 7.74 -16.15
CA GLN B 234 9.92 8.19 -16.19
C GLN B 234 9.86 9.73 -16.28
N VAL B 235 9.03 10.25 -17.19
CA VAL B 235 8.80 11.69 -17.34
C VAL B 235 7.31 12.02 -17.31
N LEU B 236 7.03 13.31 -17.00
CA LEU B 236 5.72 13.97 -16.99
C LEU B 236 5.94 15.38 -17.52
N ALA B 237 5.10 15.80 -18.46
CA ALA B 237 5.15 17.12 -19.07
C ALA B 237 3.74 17.63 -19.28
N ASP B 238 3.50 18.87 -18.83
CA ASP B 238 2.19 19.50 -18.94
C ASP B 238 2.12 20.41 -20.17
N GLY B 239 0.98 21.10 -20.33
CA GLY B 239 0.80 22.03 -21.44
C GLY B 239 1.32 23.41 -21.13
N GLN B 240 1.84 23.62 -19.92
CA GLN B 240 2.39 24.90 -19.46
C GLN B 240 3.92 25.04 -19.58
N GLY B 241 4.58 24.04 -20.15
CA GLY B 241 6.03 24.05 -20.34
C GLY B 241 6.83 23.38 -19.25
N ASN B 242 6.17 22.79 -18.25
CA ASN B 242 6.87 22.08 -17.17
C ASN B 242 7.09 20.62 -17.58
N ALA B 243 8.30 20.11 -17.30
CA ALA B 243 8.71 18.75 -17.59
C ALA B 243 9.62 18.26 -16.47
N ILE B 244 9.22 17.16 -15.82
CA ILE B 244 9.96 16.57 -14.72
C ILE B 244 10.34 15.11 -14.97
N TYR B 245 11.37 14.62 -14.25
CA TYR B 245 11.77 13.23 -14.27
C TYR B 245 11.47 12.60 -12.92
N LEU B 246 11.00 11.37 -12.95
CA LEU B 246 10.61 10.64 -11.73
C LEU B 246 11.46 9.39 -11.58
N ALA B 247 12.78 9.61 -11.43
CA ALA B 247 13.81 8.57 -11.30
C ALA B 247 13.77 7.53 -12.42
N GLU B 248 14.32 6.35 -12.16
CA GLU B 248 14.42 5.27 -13.12
C GLU B 248 13.85 3.94 -12.59
N ARG B 249 13.73 2.97 -13.51
CA ARG B 249 13.27 1.61 -13.27
C ARG B 249 14.23 0.66 -13.97
N ASP B 250 14.51 -0.48 -13.35
CA ASP B 250 15.35 -1.51 -13.97
C ASP B 250 14.39 -2.60 -14.39
N CYS B 251 14.32 -2.88 -15.70
CA CYS B 251 13.42 -3.88 -16.30
C CYS B 251 14.16 -5.06 -16.94
N SER B 252 15.46 -5.22 -16.60
CA SER B 252 16.37 -6.26 -17.11
C SER B 252 15.88 -7.69 -16.88
N MET B 253 15.15 -7.96 -15.77
CA MET B 253 14.63 -9.28 -15.47
C MET B 253 13.46 -9.57 -16.42
N GLN B 254 13.83 -10.11 -17.59
CA GLN B 254 12.93 -10.38 -18.69
C GLN B 254 13.35 -11.62 -19.45
N ARG B 255 12.47 -12.14 -20.30
CA ARG B 255 12.69 -13.33 -21.09
C ARG B 255 11.98 -13.19 -22.44
N ARG B 256 12.76 -13.27 -23.55
CA ARG B 256 12.27 -13.18 -24.94
C ARG B 256 11.35 -11.96 -25.17
N HIS B 257 11.87 -10.76 -24.80
CA HIS B 257 11.19 -9.45 -24.92
C HIS B 257 9.90 -9.34 -24.07
N GLN B 258 9.84 -10.10 -22.98
CA GLN B 258 8.69 -10.07 -22.08
C GLN B 258 9.21 -9.80 -20.67
N LYS B 259 8.86 -8.64 -20.10
CA LYS B 259 9.26 -8.28 -18.74
C LYS B 259 8.52 -9.17 -17.73
N VAL B 260 9.22 -9.61 -16.70
CA VAL B 260 8.72 -10.50 -15.67
C VAL B 260 8.78 -9.78 -14.30
N VAL B 261 9.91 -9.09 -14.03
CA VAL B 261 10.15 -8.35 -12.79
C VAL B 261 10.70 -6.96 -13.14
N GLU B 262 10.14 -5.91 -12.53
CA GLU B 262 10.66 -4.55 -12.68
C GLU B 262 10.87 -3.98 -11.29
N GLU B 263 11.79 -3.05 -11.16
CA GLU B 263 12.08 -2.45 -9.87
C GLU B 263 12.52 -1.01 -9.98
N ALA B 264 12.30 -0.24 -8.91
CA ALA B 264 12.65 1.18 -8.82
C ALA B 264 13.13 1.52 -7.41
N PRO B 265 14.22 2.32 -7.26
CA PRO B 265 15.12 2.81 -8.33
C PRO B 265 15.99 1.66 -8.87
N ALA B 266 16.88 1.93 -9.83
CA ALA B 266 17.73 0.85 -10.35
C ALA B 266 18.98 0.66 -9.46
N PRO B 267 19.30 -0.59 -9.02
CA PRO B 267 20.49 -0.80 -8.17
C PRO B 267 21.80 -0.33 -8.82
N GLY B 268 22.67 0.28 -8.04
CA GLY B 268 23.95 0.78 -8.53
C GLY B 268 23.93 2.19 -9.08
N ILE B 269 22.72 2.73 -9.39
CA ILE B 269 22.58 4.09 -9.90
C ILE B 269 22.71 5.06 -8.71
N THR B 270 23.67 5.99 -8.82
CA THR B 270 23.95 7.00 -7.80
C THR B 270 23.01 8.19 -7.98
N PRO B 271 22.78 9.04 -6.93
CA PRO B 271 21.94 10.24 -7.11
C PRO B 271 22.46 11.18 -8.22
N GLU B 272 23.81 11.27 -8.37
CA GLU B 272 24.49 12.09 -9.37
C GLU B 272 24.20 11.56 -10.78
N LEU B 273 24.17 10.22 -10.94
CA LEU B 273 23.90 9.56 -12.21
C LEU B 273 22.41 9.76 -12.58
N ARG B 274 21.51 9.71 -11.57
CA ARG B 274 20.07 9.93 -11.70
C ARG B 274 19.81 11.36 -12.19
N ARG B 275 20.44 12.36 -11.51
CA ARG B 275 20.33 13.78 -11.85
C ARG B 275 20.78 14.04 -13.30
N TYR B 276 21.96 13.52 -13.69
CA TYR B 276 22.55 13.65 -15.02
C TYR B 276 21.60 13.19 -16.14
N ILE B 277 21.14 11.93 -16.08
CA ILE B 277 20.25 11.37 -17.10
C ILE B 277 18.85 12.00 -17.13
N GLY B 278 18.30 12.25 -15.93
CA GLY B 278 16.99 12.83 -15.74
C GLY B 278 16.84 14.22 -16.32
N GLU B 279 17.82 15.10 -16.07
CA GLU B 279 17.86 16.46 -16.60
C GLU B 279 17.90 16.47 -18.11
N ARG B 280 18.65 15.52 -18.71
CA ARG B 280 18.75 15.36 -20.14
C ARG B 280 17.41 14.92 -20.75
N CYS B 281 16.67 14.03 -20.06
CA CYS B 281 15.35 13.54 -20.48
C CYS B 281 14.30 14.67 -20.40
N ALA B 282 14.33 15.44 -19.28
CA ALA B 282 13.44 16.59 -19.04
C ALA B 282 13.64 17.66 -20.11
N LYS B 283 14.91 17.95 -20.47
CA LYS B 283 15.26 18.92 -21.51
C LYS B 283 14.76 18.44 -22.88
N ALA B 284 14.89 17.13 -23.18
CA ALA B 284 14.42 16.54 -24.45
C ALA B 284 12.90 16.67 -24.62
N CYS B 285 12.11 16.57 -23.51
CA CYS B 285 10.65 16.76 -23.48
C CYS B 285 10.29 18.15 -23.95
N VAL B 286 10.96 19.15 -23.38
CA VAL B 286 10.79 20.57 -23.68
C VAL B 286 11.10 20.85 -25.15
N ASP B 287 12.24 20.32 -25.64
CA ASP B 287 12.67 20.49 -27.03
C ASP B 287 11.69 19.92 -28.04
N ILE B 288 11.10 18.74 -27.72
CA ILE B 288 10.16 18.08 -28.63
C ILE B 288 8.68 18.46 -28.42
N GLY B 289 8.41 19.27 -27.40
CA GLY B 289 7.07 19.68 -27.04
C GLY B 289 6.27 18.49 -26.54
N TYR B 290 6.91 17.66 -25.70
CA TYR B 290 6.26 16.46 -25.17
C TYR B 290 5.14 16.85 -24.18
N ARG B 291 4.08 16.05 -24.15
CA ARG B 291 2.94 16.24 -23.26
C ARG B 291 2.49 14.90 -22.66
N GLY B 292 2.26 14.90 -21.36
CA GLY B 292 1.76 13.75 -20.62
C GLY B 292 2.85 12.89 -20.01
N ALA B 293 2.49 11.62 -19.74
CA ALA B 293 3.41 10.63 -19.21
C ALA B 293 4.18 10.05 -20.39
N GLY B 294 5.45 9.75 -20.15
CA GLY B 294 6.36 9.18 -21.14
C GLY B 294 7.55 8.52 -20.50
N THR B 295 8.20 7.61 -21.22
CA THR B 295 9.36 6.92 -20.69
C THR B 295 10.47 6.91 -21.71
N PHE B 296 11.69 7.31 -21.30
CA PHE B 296 12.88 7.25 -22.12
C PHE B 296 13.58 5.94 -21.75
N GLU B 297 13.63 5.00 -22.72
CA GLU B 297 14.24 3.68 -22.54
C GLU B 297 15.72 3.70 -22.92
N PHE B 298 16.54 3.15 -22.04
CA PHE B 298 17.99 3.09 -22.20
C PHE B 298 18.55 1.71 -21.96
N LEU B 299 19.68 1.45 -22.60
CA LEU B 299 20.50 0.28 -22.33
C LEU B 299 21.61 0.88 -21.50
N PHE B 300 21.89 0.24 -20.37
CA PHE B 300 22.88 0.71 -19.43
C PHE B 300 23.96 -0.34 -19.26
N GLU B 301 25.19 0.07 -19.55
CA GLU B 301 26.38 -0.78 -19.50
C GLU B 301 27.60 0.08 -19.21
N ASN B 302 28.46 -0.39 -18.29
CA ASN B 302 29.71 0.26 -17.87
C ASN B 302 29.53 1.72 -17.40
N GLY B 303 28.50 1.95 -16.57
CA GLY B 303 28.17 3.27 -16.03
C GLY B 303 27.71 4.30 -17.05
N GLU B 304 27.31 3.86 -18.26
CA GLU B 304 26.89 4.74 -19.34
C GLU B 304 25.49 4.42 -19.85
N PHE B 305 24.69 5.47 -20.10
CA PHE B 305 23.33 5.35 -20.65
C PHE B 305 23.34 5.49 -22.16
N TYR B 306 22.56 4.64 -22.84
CA TYR B 306 22.43 4.68 -24.29
C TYR B 306 20.95 4.57 -24.66
N PHE B 307 20.40 5.67 -25.24
CA PHE B 307 18.99 5.73 -25.64
C PHE B 307 18.67 4.71 -26.71
N ILE B 308 17.55 3.99 -26.54
CA ILE B 308 17.09 3.06 -27.56
C ILE B 308 15.76 3.51 -28.18
N GLU B 309 14.78 3.89 -27.34
CA GLU B 309 13.47 4.39 -27.75
C GLU B 309 12.73 5.08 -26.62
N MET B 310 11.68 5.83 -26.99
CA MET B 310 10.81 6.51 -26.05
C MET B 310 9.38 5.93 -26.14
N ASN B 311 8.79 5.53 -24.97
CA ASN B 311 7.41 5.07 -24.92
C ASN B 311 6.57 6.32 -24.74
N THR B 312 5.66 6.56 -25.69
CA THR B 312 4.79 7.73 -25.72
C THR B 312 3.44 7.47 -25.03
N ARG B 313 3.48 6.69 -23.95
CA ARG B 313 2.31 6.32 -23.15
C ARG B 313 2.75 5.88 -21.75
N ILE B 314 1.77 5.52 -20.90
CA ILE B 314 2.04 4.94 -19.59
C ILE B 314 2.54 3.51 -19.84
N GLN B 315 3.35 2.98 -18.95
CA GLN B 315 3.83 1.60 -19.06
C GLN B 315 3.20 0.75 -18.00
N VAL B 316 3.25 -0.58 -18.19
CA VAL B 316 2.76 -1.60 -17.27
C VAL B 316 3.35 -1.38 -15.86
N GLU B 317 4.69 -1.21 -15.80
CA GLU B 317 5.51 -1.08 -14.60
C GLU B 317 5.50 0.26 -13.88
N HIS B 318 4.63 1.21 -14.30
CA HIS B 318 4.50 2.52 -13.65
C HIS B 318 4.29 2.44 -12.10
N PRO B 319 3.60 1.43 -11.49
CA PRO B 319 3.44 1.42 -10.03
C PRO B 319 4.72 1.47 -9.18
N VAL B 320 5.83 0.88 -9.66
CA VAL B 320 7.11 0.92 -8.89
C VAL B 320 7.65 2.35 -8.72
N THR B 321 7.41 3.23 -9.72
CA THR B 321 7.77 4.65 -9.67
C THR B 321 6.84 5.41 -8.71
N GLU B 322 5.56 5.01 -8.69
CA GLU B 322 4.55 5.64 -7.81
C GLU B 322 4.90 5.42 -6.34
N MET B 323 5.33 4.19 -5.96
CA MET B 323 5.70 3.81 -4.58
C MET B 323 6.89 4.60 -4.04
N ILE B 324 7.92 4.83 -4.86
CA ILE B 324 9.16 5.50 -4.44
C ILE B 324 9.14 7.04 -4.49
N THR B 325 8.12 7.62 -5.15
CA THR B 325 8.03 9.08 -5.29
C THR B 325 6.78 9.62 -4.61
N GLY B 326 5.76 8.76 -4.47
CA GLY B 326 4.46 9.13 -3.93
C GLY B 326 3.54 9.74 -4.97
N VAL B 327 4.01 9.86 -6.22
CA VAL B 327 3.28 10.46 -7.32
C VAL B 327 2.34 9.47 -8.02
N ASP B 328 1.04 9.81 -8.08
CA ASP B 328 0.02 9.05 -8.81
C ASP B 328 0.13 9.48 -10.29
N LEU B 329 0.78 8.64 -11.11
CA LEU B 329 1.04 8.91 -12.53
C LEU B 329 -0.22 8.98 -13.41
N ILE B 330 -1.26 8.18 -13.08
CA ILE B 330 -2.54 8.19 -13.81
C ILE B 330 -3.29 9.48 -13.52
N LYS B 331 -3.40 9.89 -12.24
CA LYS B 331 -4.02 11.16 -11.86
C LYS B 331 -3.28 12.34 -12.53
N GLU B 332 -1.94 12.26 -12.68
CA GLU B 332 -1.19 13.33 -13.37
C GLU B 332 -1.56 13.39 -14.85
N GLN B 333 -1.76 12.22 -15.51
CA GLN B 333 -2.18 12.17 -16.92
C GLN B 333 -3.51 12.90 -17.10
N LEU B 334 -4.47 12.61 -16.20
CA LEU B 334 -5.82 13.19 -16.19
C LEU B 334 -5.81 14.70 -15.91
N ARG B 335 -4.91 15.17 -15.02
CA ARG B 335 -4.72 16.58 -14.67
C ARG B 335 -4.13 17.36 -15.86
N ILE B 336 -3.07 16.81 -16.51
CA ILE B 336 -2.41 17.39 -17.68
C ILE B 336 -3.44 17.56 -18.81
N ALA B 337 -4.20 16.48 -19.11
CA ALA B 337 -5.23 16.43 -20.15
C ALA B 337 -6.35 17.46 -19.91
N ALA B 338 -6.67 17.73 -18.63
CA ALA B 338 -7.67 18.73 -18.24
C ALA B 338 -7.12 20.16 -18.39
N GLY B 339 -5.83 20.31 -18.69
CA GLY B 339 -5.19 21.61 -18.86
C GLY B 339 -4.58 22.15 -17.58
N GLN B 340 -4.37 21.27 -16.57
CA GLN B 340 -3.79 21.69 -15.28
C GLN B 340 -2.26 21.55 -15.30
N PRO B 341 -1.51 22.37 -14.53
CA PRO B 341 -0.05 22.17 -14.48
C PRO B 341 0.29 20.90 -13.70
N LEU B 342 1.56 20.44 -13.78
CA LEU B 342 2.00 19.29 -12.99
C LEU B 342 1.79 19.64 -11.51
N SER B 343 1.26 18.70 -10.72
CA SER B 343 0.97 18.93 -9.31
C SER B 343 2.21 19.05 -8.42
N ILE B 344 3.37 18.61 -8.92
CA ILE B 344 4.66 18.63 -8.21
C ILE B 344 5.77 19.24 -9.08
N LYS B 345 6.73 19.89 -8.42
CA LYS B 345 7.91 20.45 -9.09
C LYS B 345 9.05 19.43 -8.92
N GLN B 346 10.11 19.54 -9.75
CA GLN B 346 11.29 18.67 -9.71
C GLN B 346 11.89 18.54 -8.30
N GLU B 347 12.07 19.69 -7.61
CA GLU B 347 12.60 19.79 -6.25
C GLU B 347 11.76 19.05 -5.19
N GLU B 348 10.50 18.73 -5.55
CA GLU B 348 9.54 18.02 -4.70
C GLU B 348 9.57 16.51 -4.98
N VAL B 349 10.29 16.09 -6.05
CA VAL B 349 10.42 14.67 -6.39
C VAL B 349 11.62 14.10 -5.63
N HIS B 350 11.36 13.12 -4.74
CA HIS B 350 12.39 12.48 -3.92
C HIS B 350 12.27 10.98 -4.00
N VAL B 351 13.40 10.29 -4.24
CA VAL B 351 13.43 8.83 -4.25
C VAL B 351 13.47 8.42 -2.79
N ARG B 352 12.50 7.62 -2.38
CA ARG B 352 12.42 7.13 -1.02
C ARG B 352 12.07 5.66 -1.07
N GLY B 353 12.92 4.84 -0.46
CA GLY B 353 12.75 3.39 -0.39
C GLY B 353 13.01 2.66 -1.71
N HIS B 354 12.39 1.50 -1.86
CA HIS B 354 12.57 0.66 -3.02
C HIS B 354 11.28 -0.10 -3.30
N ALA B 355 11.00 -0.36 -4.58
CA ALA B 355 9.81 -1.11 -4.99
C ALA B 355 10.14 -2.16 -6.02
N VAL B 356 9.45 -3.32 -5.94
CA VAL B 356 9.64 -4.45 -6.86
C VAL B 356 8.26 -4.85 -7.41
N GLU B 357 8.17 -5.10 -8.73
CA GLU B 357 6.93 -5.54 -9.35
C GLU B 357 7.08 -6.92 -9.95
N CYS B 358 6.19 -7.85 -9.58
CA CYS B 358 6.14 -9.17 -10.17
C CYS B 358 4.89 -9.22 -11.01
N ARG B 359 5.05 -9.44 -12.31
CA ARG B 359 3.91 -9.56 -13.20
C ARG B 359 3.35 -10.96 -13.01
N ILE B 360 2.03 -11.04 -12.84
CA ILE B 360 1.34 -12.31 -12.66
C ILE B 360 0.63 -12.62 -13.96
N ASN B 361 0.95 -13.77 -14.57
CA ASN B 361 0.40 -14.19 -15.85
C ASN B 361 -0.30 -15.51 -15.76
N ALA B 362 -1.40 -15.65 -16.51
CA ALA B 362 -2.11 -16.91 -16.66
C ALA B 362 -1.36 -17.57 -17.85
N GLU B 363 -0.21 -18.20 -17.54
CA GLU B 363 0.66 -18.83 -18.53
C GLU B 363 1.25 -20.15 -18.06
N ASP B 364 1.50 -21.05 -19.03
CA ASP B 364 2.12 -22.34 -18.79
C ASP B 364 3.63 -22.10 -18.53
N PRO B 365 4.20 -22.59 -17.41
CA PRO B 365 5.63 -22.33 -17.14
C PRO B 365 6.63 -23.04 -18.07
N ASN B 366 6.21 -24.14 -18.71
CA ASN B 366 7.05 -24.89 -19.65
C ASN B 366 7.05 -24.28 -21.05
N THR B 367 5.90 -23.77 -21.52
CA THR B 367 5.74 -23.20 -22.87
C THR B 367 5.84 -21.66 -22.95
N PHE B 368 5.51 -20.95 -21.83
CA PHE B 368 5.42 -19.48 -21.74
C PHE B 368 4.29 -18.89 -22.61
N LEU B 369 3.38 -19.75 -23.06
CA LEU B 369 2.22 -19.38 -23.87
C LEU B 369 1.03 -19.09 -22.94
N PRO B 370 0.07 -18.20 -23.33
CA PRO B 370 -1.08 -17.93 -22.46
C PRO B 370 -1.85 -19.19 -22.08
N SER B 371 -2.27 -19.27 -20.80
CA SER B 371 -3.02 -20.38 -20.22
C SER B 371 -4.44 -19.90 -19.80
N PRO B 372 -5.41 -19.82 -20.75
CA PRO B 372 -6.76 -19.36 -20.39
C PRO B 372 -7.57 -20.34 -19.54
N GLY B 373 -8.67 -19.87 -18.96
CA GLY B 373 -9.56 -20.67 -18.14
C GLY B 373 -10.22 -19.93 -17.00
N LYS B 374 -11.04 -20.64 -16.21
CA LYS B 374 -11.79 -20.10 -15.07
C LYS B 374 -11.03 -20.18 -13.74
N ILE B 375 -11.03 -19.07 -12.96
CA ILE B 375 -10.40 -19.03 -11.63
C ILE B 375 -11.45 -19.55 -10.65
N THR B 376 -11.15 -20.68 -9.98
CA THR B 376 -12.06 -21.34 -9.03
C THR B 376 -11.93 -20.81 -7.61
N ARG B 377 -10.70 -20.49 -7.19
CA ARG B 377 -10.40 -19.96 -5.87
C ARG B 377 -9.39 -18.82 -6.06
N PHE B 378 -9.65 -17.67 -5.43
CA PHE B 378 -8.76 -16.53 -5.49
C PHE B 378 -8.54 -15.85 -4.16
N HIS B 379 -7.25 -15.64 -3.80
CA HIS B 379 -6.87 -14.93 -2.60
C HIS B 379 -5.72 -13.96 -2.85
N ALA B 380 -5.96 -12.67 -2.56
CA ALA B 380 -4.97 -11.61 -2.75
C ALA B 380 -4.12 -11.41 -1.49
N PRO B 381 -2.80 -11.18 -1.63
CA PRO B 381 -1.99 -10.88 -0.44
C PRO B 381 -2.26 -9.46 0.11
N GLY B 382 -1.89 -9.23 1.36
CA GLY B 382 -2.04 -7.92 2.02
C GLY B 382 -0.83 -7.61 2.89
N GLY B 383 -0.94 -6.55 3.70
CA GLY B 383 0.14 -6.14 4.60
C GLY B 383 0.78 -4.82 4.25
N PHE B 384 1.69 -4.36 5.12
CA PHE B 384 2.43 -3.11 4.96
C PHE B 384 3.35 -3.20 3.76
N GLY B 385 3.24 -2.23 2.86
CA GLY B 385 4.05 -2.13 1.64
C GLY B 385 3.64 -3.07 0.52
N VAL B 386 2.46 -3.72 0.64
CA VAL B 386 1.94 -4.66 -0.37
C VAL B 386 0.85 -3.97 -1.25
N ARG B 387 1.03 -4.01 -2.58
CA ARG B 387 0.08 -3.41 -3.53
C ARG B 387 -0.28 -4.44 -4.61
N TRP B 388 -1.58 -4.65 -4.79
CA TRP B 388 -2.12 -5.62 -5.72
C TRP B 388 -2.91 -4.93 -6.82
N GLU B 389 -2.44 -5.02 -8.07
CA GLU B 389 -3.07 -4.39 -9.23
C GLU B 389 -3.64 -5.48 -10.14
N SER B 390 -4.95 -5.78 -10.02
CA SER B 390 -5.60 -6.82 -10.83
C SER B 390 -7.09 -6.71 -10.83
N HIS B 391 -7.68 -7.14 -11.95
CA HIS B 391 -9.12 -7.21 -12.19
C HIS B 391 -9.69 -8.59 -11.82
N ILE B 392 -8.83 -9.58 -11.58
CA ILE B 392 -9.30 -10.95 -11.29
C ILE B 392 -10.03 -11.08 -9.96
N TYR B 393 -10.96 -12.04 -9.91
CA TYR B 393 -11.76 -12.38 -8.75
C TYR B 393 -12.14 -13.86 -8.84
N ALA B 394 -12.61 -14.47 -7.73
CA ALA B 394 -13.02 -15.88 -7.74
C ALA B 394 -14.25 -16.03 -8.62
N GLY B 395 -14.17 -16.95 -9.58
CA GLY B 395 -15.25 -17.22 -10.52
C GLY B 395 -15.02 -16.58 -11.87
N TYR B 396 -14.05 -15.64 -11.96
CA TYR B 396 -13.71 -14.95 -13.21
C TYR B 396 -13.03 -15.89 -14.20
N THR B 397 -13.38 -15.75 -15.49
CA THR B 397 -12.78 -16.57 -16.54
C THR B 397 -11.81 -15.73 -17.34
N VAL B 398 -10.54 -16.17 -17.40
CA VAL B 398 -9.51 -15.52 -18.19
C VAL B 398 -9.83 -15.83 -19.68
N PRO B 399 -10.15 -14.82 -20.51
CA PRO B 399 -10.48 -15.10 -21.91
C PRO B 399 -9.25 -15.48 -22.74
N PRO B 400 -9.39 -16.34 -23.77
CA PRO B 400 -8.20 -16.70 -24.57
C PRO B 400 -7.81 -15.70 -25.66
N TYR B 401 -8.57 -14.62 -25.81
CA TYR B 401 -8.38 -13.65 -26.89
C TYR B 401 -7.28 -12.64 -26.73
N TYR B 402 -6.87 -12.36 -25.48
CA TYR B 402 -5.89 -11.30 -25.16
C TYR B 402 -4.59 -11.77 -24.55
N ASP B 403 -3.77 -10.85 -24.02
CA ASP B 403 -2.48 -11.20 -23.41
C ASP B 403 -2.62 -12.04 -22.10
N SER B 404 -1.53 -12.67 -21.67
CA SER B 404 -1.52 -13.53 -20.49
C SER B 404 -1.54 -12.81 -19.14
N MET B 405 -1.21 -11.49 -19.11
CA MET B 405 -1.18 -10.77 -17.85
C MET B 405 -2.52 -10.62 -17.15
N ILE B 406 -2.60 -11.17 -15.93
CA ILE B 406 -3.80 -11.16 -15.11
C ILE B 406 -3.70 -10.25 -13.87
N GLY B 407 -2.48 -9.84 -13.55
CA GLY B 407 -2.24 -8.96 -12.41
C GLY B 407 -0.80 -8.57 -12.18
N LYS B 408 -0.60 -7.64 -11.24
CA LYS B 408 0.73 -7.15 -10.86
C LYS B 408 0.83 -7.08 -9.36
N LEU B 409 1.90 -7.67 -8.82
CA LEU B 409 2.16 -7.65 -7.40
C LEU B 409 3.32 -6.69 -7.18
N ILE B 410 3.11 -5.66 -6.35
CA ILE B 410 4.09 -4.61 -6.08
C ILE B 410 4.34 -4.49 -4.59
N CYS B 411 5.59 -4.68 -4.18
CA CYS B 411 5.99 -4.54 -2.80
C CYS B 411 7.01 -3.46 -2.61
N TYR B 412 6.78 -2.62 -1.62
CA TYR B 412 7.64 -1.51 -1.26
C TYR B 412 8.30 -1.76 0.11
N GLY B 413 9.49 -1.21 0.29
CA GLY B 413 10.25 -1.26 1.54
C GLY B 413 11.21 -0.09 1.62
N GLU B 414 11.70 0.24 2.82
CA GLU B 414 12.65 1.34 3.03
C GLU B 414 14.03 1.12 2.33
N ASN B 415 14.27 -0.11 1.84
CA ASN B 415 15.46 -0.54 1.11
C ASN B 415 15.10 -1.75 0.25
N ARG B 416 15.93 -2.09 -0.73
CA ARG B 416 15.74 -3.23 -1.63
C ARG B 416 15.43 -4.57 -0.93
N ASP B 417 16.20 -4.91 0.12
CA ASP B 417 16.03 -6.16 0.87
C ASP B 417 14.64 -6.33 1.48
N VAL B 418 14.08 -5.24 2.05
CA VAL B 418 12.74 -5.26 2.64
C VAL B 418 11.68 -5.50 1.55
N ALA B 419 11.79 -4.78 0.41
CA ALA B 419 10.89 -4.95 -0.73
C ALA B 419 10.86 -6.41 -1.21
N ILE B 420 12.05 -7.05 -1.36
CA ILE B 420 12.21 -8.45 -1.78
C ILE B 420 11.62 -9.41 -0.73
N ALA B 421 11.87 -9.16 0.57
CA ALA B 421 11.36 -9.97 1.67
C ALA B 421 9.83 -9.92 1.70
N ARG B 422 9.26 -8.72 1.46
CA ARG B 422 7.81 -8.54 1.41
C ARG B 422 7.20 -9.22 0.19
N MET B 423 7.96 -9.29 -0.93
CA MET B 423 7.52 -9.96 -2.15
C MET B 423 7.38 -11.47 -1.97
N LYS B 424 8.40 -12.11 -1.37
CA LYS B 424 8.43 -13.55 -1.06
C LYS B 424 7.20 -13.96 -0.27
N ASN B 425 6.87 -13.20 0.80
CA ASN B 425 5.71 -13.45 1.66
C ASN B 425 4.40 -13.21 0.91
N ALA B 426 4.34 -12.12 0.11
CA ALA B 426 3.14 -11.77 -0.67
C ALA B 426 2.82 -12.86 -1.69
N LEU B 427 3.85 -13.37 -2.39
CA LEU B 427 3.69 -14.42 -3.40
C LEU B 427 3.17 -15.73 -2.78
N GLN B 428 3.60 -16.04 -1.53
CA GLN B 428 3.20 -17.25 -0.79
C GLN B 428 1.76 -17.21 -0.35
N GLU B 429 1.20 -16.01 -0.16
CA GLU B 429 -0.19 -15.76 0.22
C GLU B 429 -1.12 -15.72 -0.99
N LEU B 430 -0.56 -15.40 -2.17
CA LEU B 430 -1.31 -15.29 -3.41
C LEU B 430 -1.83 -16.65 -3.86
N ILE B 431 -3.17 -16.80 -3.98
CA ILE B 431 -3.83 -18.02 -4.44
C ILE B 431 -4.62 -17.75 -5.72
N ILE B 432 -4.27 -18.45 -6.81
CA ILE B 432 -4.94 -18.39 -8.10
C ILE B 432 -5.07 -19.84 -8.59
N ASP B 433 -6.19 -20.49 -8.24
CA ASP B 433 -6.47 -21.88 -8.62
C ASP B 433 -7.38 -21.95 -9.85
N GLY B 434 -7.30 -23.08 -10.56
CA GLY B 434 -8.09 -23.34 -11.77
C GLY B 434 -7.37 -23.07 -13.08
N ILE B 435 -6.27 -22.33 -13.02
CA ILE B 435 -5.45 -21.95 -14.17
C ILE B 435 -3.98 -22.00 -13.77
N LYS B 436 -3.09 -22.16 -14.75
CA LYS B 436 -1.64 -22.16 -14.56
C LYS B 436 -1.16 -20.71 -14.50
N THR B 437 -0.20 -20.43 -13.61
CA THR B 437 0.36 -19.09 -13.44
C THR B 437 1.88 -19.19 -13.35
N ASN B 438 2.56 -18.02 -13.34
CA ASN B 438 4.02 -17.93 -13.19
C ASN B 438 4.36 -17.59 -11.72
N VAL B 439 3.40 -17.80 -10.78
CA VAL B 439 3.62 -17.52 -9.35
C VAL B 439 4.90 -18.22 -8.82
N ASP B 440 5.07 -19.53 -9.15
CA ASP B 440 6.23 -20.32 -8.73
C ASP B 440 7.55 -19.81 -9.28
N LEU B 441 7.54 -19.31 -10.53
CA LEU B 441 8.71 -18.72 -11.18
C LEU B 441 9.09 -17.43 -10.46
N GLN B 442 8.09 -16.63 -10.11
CA GLN B 442 8.30 -15.37 -9.38
C GLN B 442 8.93 -15.64 -8.01
N ILE B 443 8.50 -16.73 -7.32
CA ILE B 443 9.07 -17.17 -6.03
C ILE B 443 10.58 -17.55 -6.22
N ARG B 444 10.89 -18.28 -7.33
CA ARG B 444 12.24 -18.68 -7.72
C ARG B 444 13.17 -17.48 -7.97
N ILE B 445 12.67 -16.44 -8.69
CA ILE B 445 13.43 -15.21 -8.98
C ILE B 445 13.75 -14.47 -7.66
N MET B 446 12.76 -14.38 -6.75
CA MET B 446 12.94 -13.72 -5.44
C MET B 446 14.00 -14.42 -4.58
N ASN B 447 14.09 -15.76 -4.71
CA ASN B 447 15.05 -16.64 -4.03
C ASN B 447 16.42 -16.70 -4.69
N ASP B 448 16.55 -16.14 -5.91
CA ASP B 448 17.79 -16.14 -6.70
C ASP B 448 18.82 -15.21 -6.10
N GLU B 449 19.98 -15.77 -5.68
CA GLU B 449 21.08 -15.04 -5.05
C GLU B 449 21.69 -13.92 -5.90
N ASN B 450 21.71 -14.10 -7.23
CA ASN B 450 22.24 -13.07 -8.13
C ASN B 450 21.24 -11.90 -8.17
N PHE B 451 19.91 -12.21 -8.20
CA PHE B 451 18.84 -11.19 -8.12
C PHE B 451 18.90 -10.50 -6.75
N GLN B 452 19.15 -11.28 -5.66
CA GLN B 452 19.25 -10.72 -4.31
C GLN B 452 20.46 -9.81 -4.17
N HIS B 453 21.53 -10.06 -4.95
CA HIS B 453 22.68 -9.17 -4.96
C HIS B 453 22.30 -7.92 -5.78
N GLY B 454 21.63 -8.14 -6.91
CA GLY B 454 21.18 -7.09 -7.82
C GLY B 454 22.11 -6.79 -8.98
N GLY B 455 21.63 -5.97 -9.90
CA GLY B 455 22.36 -5.53 -11.08
C GLY B 455 22.54 -6.55 -12.18
N THR B 456 21.70 -7.61 -12.21
CA THR B 456 21.81 -8.63 -13.27
C THR B 456 21.38 -8.03 -14.62
N ASN B 457 22.03 -8.46 -15.71
CA ASN B 457 21.76 -7.94 -17.05
C ASN B 457 20.53 -8.56 -17.69
N ILE B 458 20.14 -8.05 -18.88
CA ILE B 458 18.98 -8.50 -19.67
C ILE B 458 18.97 -9.97 -20.06
N HIS B 459 20.19 -10.58 -20.17
CA HIS B 459 20.33 -11.98 -20.60
C HIS B 459 20.19 -13.01 -19.46
N TYR B 460 20.28 -12.55 -18.19
CA TYR B 460 20.23 -13.39 -16.98
C TYR B 460 19.10 -14.42 -16.91
N LEU B 461 17.83 -13.99 -16.99
CA LEU B 461 16.67 -14.88 -16.88
C LEU B 461 16.67 -16.02 -17.91
N GLU B 462 16.96 -15.72 -19.19
CA GLU B 462 17.05 -16.74 -20.26
C GLU B 462 18.17 -17.77 -19.91
N LYS B 463 19.34 -17.27 -19.42
CA LYS B 463 20.49 -18.09 -19.01
C LYS B 463 20.13 -18.98 -17.81
N LYS B 464 19.32 -18.46 -16.86
CA LYS B 464 18.86 -19.20 -15.68
C LYS B 464 17.88 -20.31 -16.10
N LEU B 465 16.98 -19.99 -17.05
CA LEU B 465 15.99 -20.94 -17.58
C LEU B 465 16.52 -21.66 -18.80
#